data_8JUO
#
_entry.id   8JUO
#
_cell.length_a   74.860
_cell.length_b   108.860
_cell.length_c   162.070
_cell.angle_alpha   90.000
_cell.angle_beta   90.000
_cell.angle_gamma   90.000
#
_symmetry.space_group_name_H-M   'I 21 21 21'
#
loop_
_entity.id
_entity.type
_entity.pdbx_description
1 polymer 'Aspartate-semialdehyde dehydrogenase'
2 water water
#
_entity_poly.entity_id   1
_entity_poly.type   'polypeptide(L)'
_entity_poly.pdbx_seq_one_letter_code
;MKIAIVGVSGAVGQEFLRVLSQRDFPIDGLYLFGSSRSAGSVYSFKGKEYVVRELKDNDDFKGIDIAFCSAGGDTSIAFA
DTITRHGTLMIDNSSAFRMQEDVPLVVPEVNGDDALVHPRNIISNPNCTTIQMVVALKPIEDLSHIRRVHVATYQAASGA
GALGMAELVQQVEELARGEKPTVDKFAYQLMYNLIPQIDVFTDNDYTKEEMKMYRETKRIMHSDVMVSATCVRVPVMRAH
SEAIWVETERPIAPEEARAAFAKAPGVLLCDEPSEKQYPMPLFGTEQDPVIVGRIRQDLANPNGLVFWCVSDQIRKGAAL
NAVQIAEYLIAKGHFAR
;
_entity_poly.pdbx_strand_id   A,B
#
# COMPACT_ATOMS: atom_id res chain seq x y z
N MET A 1 1.88 11.87 16.53
CA MET A 1 0.63 12.41 15.98
C MET A 1 -0.57 12.12 16.89
N LYS A 2 -1.26 13.19 17.28
CA LYS A 2 -2.46 13.10 18.10
C LYS A 2 -3.68 13.38 17.24
N ILE A 3 -4.66 12.47 17.30
CA ILE A 3 -5.77 12.39 16.34
C ILE A 3 -7.08 12.44 17.10
N ALA A 4 -8.01 13.27 16.64
CA ALA A 4 -9.36 13.30 17.18
C ALA A 4 -10.36 12.78 16.14
N ILE A 5 -11.38 12.08 16.61
CA ILE A 5 -12.57 11.77 15.82
C ILE A 5 -13.74 12.46 16.49
N VAL A 6 -14.39 13.35 15.75
CA VAL A 6 -15.52 14.13 16.25
C VAL A 6 -16.77 13.55 15.59
N GLY A 7 -17.61 12.89 16.38
CA GLY A 7 -18.77 12.19 15.86
C GLY A 7 -18.41 10.74 15.57
N VAL A 8 -18.11 9.98 16.62
CA VAL A 8 -17.60 8.62 16.43
C VAL A 8 -18.73 7.58 16.41
N SER A 9 -19.94 7.94 16.86
CA SER A 9 -20.99 6.97 17.11
C SER A 9 -21.62 6.38 15.85
N GLY A 10 -21.65 7.15 14.75
CA GLY A 10 -22.37 6.77 13.56
C GLY A 10 -21.56 5.90 12.61
N ALA A 11 -22.15 5.62 11.44
CA ALA A 11 -21.54 4.66 10.52
C ALA A 11 -20.16 5.13 10.07
N VAL A 12 -20.02 6.43 9.76
CA VAL A 12 -18.74 6.91 9.26
C VAL A 12 -17.72 6.99 10.39
N GLY A 13 -18.15 7.41 11.58
CA GLY A 13 -17.22 7.47 12.69
C GLY A 13 -16.65 6.12 13.03
N GLN A 14 -17.49 5.08 13.01
CA GLN A 14 -17.01 3.73 13.20
C GLN A 14 -16.07 3.33 12.06
N GLU A 15 -16.34 3.79 10.85
CA GLU A 15 -15.44 3.45 9.75
C GLU A 15 -14.07 4.09 9.95
N PHE A 16 -14.02 5.31 10.49
CA PHE A 16 -12.73 5.91 10.83
C PHE A 16 -11.91 5.03 11.76
N LEU A 17 -12.55 4.45 12.79
CA LEU A 17 -11.84 3.57 13.70
C LEU A 17 -11.26 2.36 12.97
N ARG A 18 -12.02 1.81 12.04
CA ARG A 18 -11.56 0.65 11.28
C ARG A 18 -10.43 1.03 10.34
N VAL A 19 -10.61 2.09 9.56
CA VAL A 19 -9.65 2.49 8.52
C VAL A 19 -8.33 2.92 9.15
N LEU A 20 -8.41 3.68 10.24
CA LEU A 20 -7.19 4.21 10.83
C LEU A 20 -6.31 3.10 11.37
N SER A 21 -6.93 2.01 11.82
CA SER A 21 -6.23 0.81 12.27
C SER A 21 -5.70 0.01 11.08
N GLN A 22 -6.57 -0.24 10.09
CA GLN A 22 -6.22 -1.08 8.95
C GLN A 22 -5.04 -0.50 8.18
N ARG A 23 -4.96 0.81 8.07
CA ARG A 23 -3.92 1.46 7.26
C ARG A 23 -2.73 1.89 8.10
N ASP A 24 -2.67 1.47 9.36
CA ASP A 24 -1.54 1.76 10.25
C ASP A 24 -1.23 3.25 10.24
N PHE A 25 -2.29 4.06 10.27
CA PHE A 25 -2.11 5.50 10.38
C PHE A 25 -1.32 5.80 11.65
N PRO A 26 -0.37 6.72 11.61
CA PRO A 26 0.52 6.94 12.76
C PRO A 26 -0.18 7.71 13.86
N ILE A 27 -0.43 7.04 14.98
CA ILE A 27 -1.25 7.60 16.06
C ILE A 27 -0.51 7.40 17.38
N ASP A 28 -0.16 8.52 18.04
CA ASP A 28 0.39 8.50 19.40
C ASP A 28 -0.67 8.71 20.46
N GLY A 29 -1.80 9.34 20.11
CA GLY A 29 -2.89 9.60 21.02
C GLY A 29 -4.19 9.73 20.25
N LEU A 30 -5.25 9.09 20.74
CA LEU A 30 -6.57 9.14 20.14
C LEU A 30 -7.55 9.79 21.11
N TYR A 31 -8.40 10.65 20.59
CA TYR A 31 -9.35 11.42 21.38
C TYR A 31 -10.69 11.35 20.66
N LEU A 32 -11.70 10.82 21.33
CA LEU A 32 -13.03 10.69 20.76
C LEU A 32 -13.95 11.76 21.34
N PHE A 33 -14.74 12.38 20.46
CA PHE A 33 -15.69 13.42 20.83
C PHE A 33 -17.05 13.16 20.19
N GLY A 34 -18.10 13.55 20.90
CA GLY A 34 -19.46 13.48 20.37
C GLY A 34 -20.36 14.44 21.11
N SER A 35 -21.66 14.33 20.83
CA SER A 35 -22.65 15.11 21.55
C SER A 35 -22.84 14.54 22.95
N SER A 36 -23.73 15.17 23.72
CA SER A 36 -24.04 14.64 25.04
C SER A 36 -24.62 13.23 24.95
N ARG A 37 -25.23 12.88 23.82
CA ARG A 37 -25.82 11.55 23.67
C ARG A 37 -24.75 10.47 23.66
N SER A 38 -23.59 10.78 23.09
CA SER A 38 -22.53 9.80 22.94
C SER A 38 -21.45 9.92 24.03
N ALA A 39 -21.40 11.03 24.77
CA ALA A 39 -20.43 11.18 25.85
C ALA A 39 -20.52 10.04 26.85
N GLY A 40 -19.36 9.52 27.25
CA GLY A 40 -19.28 8.42 28.18
C GLY A 40 -19.28 7.04 27.56
N SER A 41 -19.50 6.92 26.25
CA SER A 41 -19.46 5.62 25.59
C SER A 41 -18.02 5.15 25.45
N VAL A 42 -17.84 3.83 25.37
CA VAL A 42 -16.51 3.21 25.31
C VAL A 42 -16.31 2.62 23.93
N TYR A 43 -15.11 2.84 23.36
CA TYR A 43 -14.70 2.20 22.11
C TYR A 43 -13.28 1.68 22.25
N SER A 44 -13.04 0.49 21.70
CA SER A 44 -11.68 -0.05 21.73
C SER A 44 -11.03 0.15 20.37
N PHE A 45 -9.74 0.49 20.42
CA PHE A 45 -8.97 0.79 19.22
C PHE A 45 -7.54 0.36 19.44
N LYS A 46 -7.08 -0.61 18.65
CA LYS A 46 -5.71 -1.12 18.75
C LYS A 46 -5.37 -1.54 20.19
N GLY A 47 -6.28 -2.27 20.80
CA GLY A 47 -6.04 -2.90 22.09
C GLY A 47 -6.20 -2.01 23.30
N LYS A 48 -6.70 -0.79 23.13
CA LYS A 48 -6.99 0.05 24.29
C LYS A 48 -8.38 0.64 24.17
N GLU A 49 -8.93 1.01 25.33
CA GLU A 49 -10.29 1.50 25.42
C GLU A 49 -10.30 3.01 25.63
N TYR A 50 -11.24 3.68 24.97
CA TYR A 50 -11.30 5.14 24.95
C TYR A 50 -12.71 5.57 25.30
N VAL A 51 -12.82 6.67 26.04
CA VAL A 51 -14.10 7.15 26.53
C VAL A 51 -14.43 8.46 25.80
N VAL A 52 -15.62 8.52 25.22
CA VAL A 52 -16.04 9.69 24.44
C VAL A 52 -16.26 10.87 25.37
N ARG A 53 -15.68 12.02 25.00
CA ARG A 53 -15.89 13.29 25.68
C ARG A 53 -16.97 14.08 24.96
N GLU A 54 -17.79 14.82 25.71
CA GLU A 54 -18.76 15.70 25.07
C GLU A 54 -18.04 16.87 24.43
N LEU A 55 -18.42 17.19 23.21
CA LEU A 55 -17.83 18.32 22.48
C LEU A 55 -18.31 19.61 23.11
N LYS A 56 -17.38 20.36 23.71
CA LYS A 56 -17.69 21.62 24.37
C LYS A 56 -16.80 22.72 23.83
N ASP A 57 -17.29 23.96 23.94
CA ASP A 57 -16.53 25.13 23.46
C ASP A 57 -15.46 25.46 24.49
N ASN A 58 -14.40 24.66 24.49
CA ASN A 58 -13.30 24.80 25.44
C ASN A 58 -11.96 24.60 24.75
N ASP A 59 -10.96 24.09 25.48
CA ASP A 59 -9.60 23.94 24.97
C ASP A 59 -9.20 22.48 24.82
N ASP A 60 -10.17 21.59 24.59
CA ASP A 60 -9.89 20.16 24.50
C ASP A 60 -9.00 19.81 23.32
N PHE A 61 -8.89 20.67 22.31
CA PHE A 61 -8.15 20.34 21.10
C PHE A 61 -6.73 20.89 21.11
N LYS A 62 -6.28 21.46 22.23
CA LYS A 62 -4.87 21.78 22.39
C LYS A 62 -4.03 20.51 22.32
N GLY A 63 -3.03 20.51 21.44
CA GLY A 63 -2.17 19.36 21.29
C GLY A 63 -2.62 18.38 20.22
N ILE A 64 -3.81 18.54 19.67
CA ILE A 64 -4.34 17.62 18.66
C ILE A 64 -3.93 18.12 17.28
N ASP A 65 -3.32 17.22 16.50
CA ASP A 65 -2.80 17.58 15.19
C ASP A 65 -3.90 17.59 14.14
N ILE A 66 -4.74 16.56 14.12
CA ILE A 66 -5.79 16.39 13.11
C ILE A 66 -7.09 15.96 13.80
N ALA A 67 -8.19 16.59 13.40
CA ALA A 67 -9.53 16.21 13.83
C ALA A 67 -10.35 15.79 12.61
N PHE A 68 -10.72 14.52 12.55
CA PHE A 68 -11.62 14.00 11.53
C PHE A 68 -13.03 14.16 12.04
N CYS A 69 -13.84 14.94 11.34
CA CYS A 69 -15.18 15.21 11.86
C CYS A 69 -16.23 14.64 10.93
N SER A 70 -17.08 13.81 11.54
CA SER A 70 -18.24 13.22 10.87
C SER A 70 -19.46 13.37 11.78
N ALA A 71 -19.78 14.62 12.11
CA ALA A 71 -20.86 14.94 13.03
C ALA A 71 -21.95 15.79 12.37
N GLY A 72 -21.90 15.96 11.06
CA GLY A 72 -22.91 16.76 10.40
C GLY A 72 -22.54 18.23 10.35
N GLY A 73 -23.11 18.93 9.36
CA GLY A 73 -22.78 20.33 9.14
C GLY A 73 -23.15 21.23 10.29
N ASP A 74 -24.25 20.89 11.00
CA ASP A 74 -24.65 21.60 12.21
C ASP A 74 -23.50 21.71 13.19
N THR A 75 -22.94 20.55 13.54
CA THR A 75 -21.84 20.51 14.52
C THR A 75 -20.59 21.17 13.98
N SER A 76 -20.26 20.93 12.70
CA SER A 76 -19.03 21.53 12.15
C SER A 76 -19.10 23.05 12.16
N ILE A 77 -20.24 23.64 11.78
CA ILE A 77 -20.37 25.09 11.80
C ILE A 77 -20.22 25.61 13.21
N ALA A 78 -20.87 24.94 14.18
CA ALA A 78 -20.93 25.44 15.55
C ALA A 78 -19.59 25.30 16.26
N PHE A 79 -18.83 24.25 15.94
CA PHE A 79 -17.64 23.95 16.71
C PHE A 79 -16.33 24.06 15.92
N ALA A 80 -16.37 24.50 14.67
CA ALA A 80 -15.13 24.67 13.91
C ALA A 80 -14.16 25.59 14.67
N ASP A 81 -14.68 26.68 15.24
CA ASP A 81 -13.81 27.60 15.98
C ASP A 81 -13.12 26.88 17.14
N THR A 82 -13.88 26.05 17.87
CA THR A 82 -13.31 25.30 18.98
C THR A 82 -12.26 24.30 18.50
N ILE A 83 -12.59 23.57 17.44
CA ILE A 83 -11.71 22.49 17.01
C ILE A 83 -10.37 23.05 16.54
N THR A 84 -10.41 24.19 15.84
CA THR A 84 -9.21 24.77 15.26
C THR A 84 -8.52 25.77 16.20
N ARG A 85 -9.03 25.95 17.42
CA ARG A 85 -8.57 27.04 18.29
C ARG A 85 -7.08 26.96 18.59
N HIS A 86 -6.51 25.76 18.62
CA HIS A 86 -5.12 25.55 19.01
C HIS A 86 -4.28 24.97 17.89
N GLY A 87 -4.62 25.29 16.64
CA GLY A 87 -3.84 24.87 15.49
C GLY A 87 -4.18 23.52 14.94
N THR A 88 -5.17 22.82 15.49
CA THR A 88 -5.59 21.54 14.94
C THR A 88 -6.14 21.72 13.52
N LEU A 89 -5.76 20.81 12.64
CA LEU A 89 -6.30 20.79 11.29
C LEU A 89 -7.59 19.99 11.29
N MET A 90 -8.69 20.63 10.90
CA MET A 90 -10.01 20.02 10.87
C MET A 90 -10.28 19.51 9.46
N ILE A 91 -10.38 18.19 9.30
CA ILE A 91 -10.78 17.58 8.03
C ILE A 91 -12.25 17.22 8.17
N ASP A 92 -13.10 17.93 7.43
CA ASP A 92 -14.53 17.95 7.73
C ASP A 92 -15.29 17.16 6.66
N ASN A 93 -16.00 16.11 7.09
CA ASN A 93 -16.81 15.34 6.14
C ASN A 93 -18.11 16.05 5.77
N SER A 94 -18.50 17.06 6.54
CA SER A 94 -19.77 17.77 6.38
C SER A 94 -19.78 18.59 5.10
N SER A 95 -20.97 19.03 4.69
CA SER A 95 -21.05 19.97 3.58
C SER A 95 -20.86 21.43 4.00
N ALA A 96 -20.69 21.69 5.30
CA ALA A 96 -20.73 23.07 5.82
C ALA A 96 -19.83 24.03 5.05
N PHE A 97 -18.58 23.66 4.82
CA PHE A 97 -17.58 24.58 4.29
C PHE A 97 -17.20 24.31 2.83
N ARG A 98 -17.96 23.46 2.13
CA ARG A 98 -17.51 22.97 0.82
C ARG A 98 -17.48 24.04 -0.26
N MET A 99 -18.20 25.14 -0.08
CA MET A 99 -18.18 26.22 -1.05
C MET A 99 -17.41 27.44 -0.58
N GLN A 100 -16.78 27.38 0.60
CA GLN A 100 -15.94 28.47 1.07
C GLN A 100 -14.61 28.46 0.31
N GLU A 101 -14.29 29.57 -0.37
CA GLU A 101 -13.12 29.55 -1.24
C GLU A 101 -11.80 29.48 -0.49
N ASP A 102 -11.79 29.80 0.81
CA ASP A 102 -10.59 29.62 1.63
C ASP A 102 -10.57 28.28 2.35
N VAL A 103 -11.46 27.36 1.97
CA VAL A 103 -11.50 25.99 2.47
C VAL A 103 -11.20 25.05 1.30
N PRO A 104 -10.07 24.36 1.24
CA PRO A 104 -9.85 23.42 0.13
C PRO A 104 -10.83 22.26 0.17
N LEU A 105 -11.18 21.78 -1.02
CA LEU A 105 -12.17 20.71 -1.23
C LEU A 105 -11.44 19.63 -2.01
N VAL A 106 -11.11 18.52 -1.35
CA VAL A 106 -9.98 17.72 -1.77
C VAL A 106 -10.39 16.27 -2.04
N VAL A 107 -9.97 15.76 -3.19
CA VAL A 107 -9.87 14.34 -3.45
C VAL A 107 -8.41 14.08 -3.77
N PRO A 108 -7.69 13.31 -2.96
CA PRO A 108 -6.22 13.23 -3.11
C PRO A 108 -5.74 12.79 -4.48
N GLU A 109 -6.47 11.90 -5.15
CA GLU A 109 -6.09 11.45 -6.47
C GLU A 109 -6.17 12.55 -7.53
N VAL A 110 -6.85 13.66 -7.23
CA VAL A 110 -7.24 14.65 -8.23
C VAL A 110 -6.60 16.00 -7.96
N ASN A 111 -6.74 16.52 -6.74
CA ASN A 111 -6.22 17.85 -6.39
C ASN A 111 -5.58 17.84 -5.01
N GLY A 112 -4.80 16.80 -4.72
CA GLY A 112 -4.22 16.67 -3.38
C GLY A 112 -3.43 17.88 -2.93
N ASP A 113 -2.71 18.54 -3.85
CA ASP A 113 -1.91 19.70 -3.49
C ASP A 113 -2.75 20.85 -2.95
N ASP A 114 -4.06 20.88 -3.21
CA ASP A 114 -4.90 21.93 -2.66
C ASP A 114 -4.99 21.86 -1.14
N ALA A 115 -4.76 20.68 -0.59
CA ALA A 115 -4.82 20.48 0.86
C ALA A 115 -3.71 21.24 1.59
N LEU A 116 -2.62 21.57 0.91
CA LEU A 116 -1.45 22.16 1.57
C LEU A 116 -1.71 23.59 2.04
N VAL A 117 -2.78 24.21 1.58
CA VAL A 117 -3.05 25.59 1.91
C VAL A 117 -4.43 25.65 2.53
N HIS A 118 -4.47 25.89 3.83
CA HIS A 118 -5.72 25.87 4.59
C HIS A 118 -5.71 26.99 5.61
N PRO A 119 -6.01 28.22 5.17
CA PRO A 119 -5.85 29.37 6.08
C PRO A 119 -6.75 29.29 7.30
N ARG A 120 -7.90 28.63 7.20
CA ARG A 120 -8.76 28.45 8.37
C ARG A 120 -8.50 27.14 9.10
N ASN A 121 -7.43 26.43 8.71
CA ASN A 121 -7.12 25.08 9.23
C ASN A 121 -8.33 24.16 9.12
N ILE A 122 -9.11 24.34 8.04
CA ILE A 122 -10.20 23.46 7.68
C ILE A 122 -9.96 22.95 6.27
N ILE A 123 -10.12 21.65 6.06
CA ILE A 123 -10.21 21.02 4.75
C ILE A 123 -11.54 20.28 4.70
N SER A 124 -12.22 20.36 3.56
CA SER A 124 -13.49 19.65 3.45
C SER A 124 -13.36 18.47 2.50
N ASN A 125 -13.94 17.38 2.98
CA ASN A 125 -14.24 16.18 2.17
C ASN A 125 -15.43 16.47 1.27
N PRO A 126 -15.38 16.14 -0.02
CA PRO A 126 -16.55 16.36 -0.88
C PRO A 126 -17.64 15.33 -0.64
N ASN A 127 -18.80 15.57 -1.25
CA ASN A 127 -19.91 14.62 -1.25
C ASN A 127 -19.48 13.28 -1.83
N CYS A 128 -20.02 12.19 -1.28
CA CYS A 128 -19.74 10.81 -1.68
C CYS A 128 -19.74 10.63 -3.19
N THR A 129 -20.88 11.06 -3.76
CA THR A 129 -21.08 10.81 -5.18
C THR A 129 -20.13 11.66 -6.04
N THR A 130 -19.73 12.83 -5.55
CA THR A 130 -18.73 13.62 -6.24
C THR A 130 -17.37 12.95 -6.19
N ILE A 131 -17.00 12.43 -5.02
CA ILE A 131 -15.70 11.77 -4.87
C ILE A 131 -15.58 10.65 -5.89
N GLN A 132 -16.58 9.79 -5.95
CA GLN A 132 -16.51 8.63 -6.82
C GLN A 132 -16.44 9.07 -8.28
N MET A 133 -17.21 10.11 -8.63
CA MET A 133 -17.20 10.59 -10.02
C MET A 133 -15.84 11.17 -10.42
N VAL A 134 -15.26 12.05 -9.59
CA VAL A 134 -14.04 12.72 -10.04
C VAL A 134 -12.84 11.77 -10.04
N VAL A 135 -12.85 10.72 -9.21
CA VAL A 135 -11.80 9.71 -9.27
C VAL A 135 -11.82 9.02 -10.64
N ALA A 136 -13.02 8.79 -11.17
CA ALA A 136 -13.14 8.23 -12.50
C ALA A 136 -12.85 9.26 -13.59
N LEU A 137 -13.27 10.51 -13.38
CA LEU A 137 -13.11 11.53 -14.41
C LEU A 137 -11.65 11.95 -14.60
N LYS A 138 -10.87 11.99 -13.52
CA LYS A 138 -9.49 12.50 -13.61
C LYS A 138 -8.65 11.82 -14.69
N PRO A 139 -8.61 10.50 -14.82
CA PRO A 139 -7.80 9.91 -15.90
C PRO A 139 -8.29 10.26 -17.30
N ILE A 140 -9.58 10.56 -17.46
CA ILE A 140 -10.11 10.96 -18.77
C ILE A 140 -9.76 12.40 -19.04
N GLU A 141 -9.89 13.24 -18.02
CA GLU A 141 -9.51 14.65 -18.14
C GLU A 141 -8.07 14.82 -18.59
N ASP A 142 -7.17 13.98 -18.05
CA ASP A 142 -5.75 14.09 -18.41
C ASP A 142 -5.52 13.80 -19.89
N LEU A 143 -6.39 13.00 -20.52
CA LEU A 143 -6.33 12.72 -21.96
C LEU A 143 -6.88 13.87 -22.79
N SER A 144 -8.08 14.36 -22.44
CA SER A 144 -8.71 15.46 -23.14
C SER A 144 -9.72 16.09 -22.22
N HIS A 145 -9.77 17.42 -22.26
CA HIS A 145 -10.61 18.18 -21.34
C HIS A 145 -12.08 17.77 -21.43
N ILE A 146 -12.70 17.53 -20.27
CA ILE A 146 -14.12 17.20 -20.20
C ILE A 146 -14.93 18.49 -20.17
N ARG A 147 -15.85 18.62 -21.11
CA ARG A 147 -16.69 19.83 -21.15
C ARG A 147 -18.02 19.61 -20.43
N ARG A 148 -18.61 18.43 -20.59
CA ARG A 148 -19.97 18.16 -20.12
C ARG A 148 -20.05 16.74 -19.59
N VAL A 149 -20.87 16.56 -18.55
CA VAL A 149 -21.14 15.26 -17.97
C VAL A 149 -22.64 15.12 -17.73
N HIS A 150 -23.23 14.01 -18.16
CA HIS A 150 -24.53 13.59 -17.70
C HIS A 150 -24.33 12.39 -16.79
N VAL A 151 -24.91 12.43 -15.60
CA VAL A 151 -24.74 11.33 -14.67
C VAL A 151 -26.08 10.98 -14.02
N ALA A 152 -26.45 9.70 -14.08
CA ALA A 152 -27.57 9.17 -13.32
C ALA A 152 -27.01 8.35 -12.17
N THR A 153 -27.40 8.69 -10.95
CA THR A 153 -26.91 7.95 -9.78
C THR A 153 -27.96 6.96 -9.26
N TYR A 154 -27.45 5.91 -8.63
CA TYR A 154 -28.25 4.84 -8.00
C TYR A 154 -27.64 4.74 -6.61
N GLN A 155 -28.23 5.46 -5.66
CA GLN A 155 -27.57 5.78 -4.40
C GLN A 155 -28.18 4.98 -3.25
N ALA A 156 -27.30 4.52 -2.35
CA ALA A 156 -27.68 3.51 -1.38
C ALA A 156 -28.34 4.14 -0.16
N ALA A 157 -28.96 3.27 0.63
CA ALA A 157 -29.63 3.71 1.85
C ALA A 157 -28.69 4.38 2.83
N SER A 158 -27.40 4.04 2.80
CA SER A 158 -26.43 4.61 3.75
C SER A 158 -26.29 6.12 3.61
N GLY A 159 -26.67 6.69 2.47
CA GLY A 159 -26.72 8.14 2.35
C GLY A 159 -27.57 8.79 3.42
N ALA A 160 -28.59 8.07 3.92
CA ALA A 160 -29.40 8.53 5.04
C ALA A 160 -28.90 7.97 6.37
N GLY A 161 -27.61 7.64 6.47
CA GLY A 161 -27.03 7.23 7.73
C GLY A 161 -27.49 5.85 8.17
N ALA A 162 -27.04 5.45 9.36
CA ALA A 162 -27.35 4.11 9.86
C ALA A 162 -28.85 3.90 10.00
N LEU A 163 -29.60 4.94 10.32
CA LEU A 163 -31.05 4.78 10.41
C LEU A 163 -31.68 4.50 9.05
N GLY A 164 -31.12 5.07 7.98
CA GLY A 164 -31.61 4.74 6.64
C GLY A 164 -31.34 3.30 6.27
N MET A 165 -30.14 2.81 6.59
CA MET A 165 -29.83 1.41 6.35
C MET A 165 -30.78 0.49 7.12
N ALA A 166 -31.00 0.81 8.41
CA ALA A 166 -31.88 0.00 9.24
C ALA A 166 -33.32 0.02 8.74
N GLU A 167 -33.77 1.16 8.20
CA GLU A 167 -35.11 1.21 7.66
C GLU A 167 -35.25 0.28 6.46
N LEU A 168 -34.25 0.25 5.56
CA LEU A 168 -34.34 -0.64 4.40
C LEU A 168 -34.40 -2.10 4.83
N VAL A 169 -33.55 -2.48 5.78
CA VAL A 169 -33.50 -3.87 6.21
C VAL A 169 -34.80 -4.27 6.88
N GLN A 170 -35.38 -3.36 7.68
CA GLN A 170 -36.65 -3.66 8.33
C GLN A 170 -37.78 -3.78 7.33
N GLN A 171 -37.73 -3.01 6.24
CA GLN A 171 -38.74 -3.14 5.19
C GLN A 171 -38.65 -4.48 4.49
N VAL A 172 -37.43 -5.00 4.30
CA VAL A 172 -37.27 -6.33 3.72
C VAL A 172 -37.93 -7.36 4.62
N GLU A 173 -37.75 -7.23 5.94
CA GLU A 173 -38.38 -8.18 6.86
C GLU A 173 -39.89 -8.04 6.84
N GLU A 174 -40.40 -6.81 6.94
CA GLU A 174 -41.85 -6.59 6.92
C GLU A 174 -42.47 -7.13 5.64
N LEU A 175 -41.82 -6.91 4.49
CA LEU A 175 -42.39 -7.37 3.23
C LEU A 175 -42.38 -8.89 3.15
N ALA A 176 -41.31 -9.53 3.61
CA ALA A 176 -41.27 -10.99 3.61
C ALA A 176 -42.35 -11.57 4.52
N ARG A 177 -42.71 -10.85 5.58
CA ARG A 177 -43.74 -11.28 6.52
C ARG A 177 -45.14 -10.84 6.11
N GLY A 178 -45.27 -10.12 5.00
CA GLY A 178 -46.57 -9.59 4.60
C GLY A 178 -47.12 -8.49 5.48
N GLU A 179 -46.25 -7.67 6.06
CA GLU A 179 -46.68 -6.55 6.90
C GLU A 179 -46.55 -5.22 6.16
N LYS A 180 -47.19 -4.21 6.73
CA LYS A 180 -46.97 -2.90 6.13
C LYS A 180 -45.55 -2.44 6.40
N PRO A 181 -44.94 -1.93 5.33
CA PRO A 181 -43.58 -1.41 5.44
C PRO A 181 -43.55 -0.10 6.23
N THR A 182 -42.72 -0.05 7.28
CA THR A 182 -42.60 1.22 7.97
C THR A 182 -41.75 2.17 7.16
N VAL A 183 -42.29 3.38 6.99
CA VAL A 183 -41.71 4.43 6.18
C VAL A 183 -41.52 5.64 7.08
N ASP A 184 -40.28 6.14 7.15
CA ASP A 184 -39.93 7.19 8.11
C ASP A 184 -38.71 7.99 7.65
N LYS A 185 -37.55 7.33 7.56
CA LYS A 185 -36.32 8.04 7.24
C LYS A 185 -36.23 8.40 5.76
N PHE A 186 -36.96 7.70 4.90
CA PHE A 186 -37.11 8.07 3.50
C PHE A 186 -38.52 8.58 3.27
N ALA A 187 -38.68 9.41 2.23
CA ALA A 187 -39.97 10.05 1.99
C ALA A 187 -41.04 9.07 1.52
N TYR A 188 -40.65 7.92 0.98
CA TYR A 188 -41.55 6.87 0.51
C TYR A 188 -40.92 5.52 0.81
N GLN A 189 -41.71 4.45 0.66
CA GLN A 189 -41.15 3.11 0.73
C GLN A 189 -39.96 3.01 -0.22
N LEU A 190 -38.86 2.42 0.24
CA LEU A 190 -37.68 2.26 -0.63
C LEU A 190 -37.57 0.88 -1.23
N MET A 191 -37.84 -0.17 -0.44
CA MET A 191 -37.91 -1.51 -0.98
C MET A 191 -38.91 -1.58 -2.14
N TYR A 192 -38.51 -2.27 -3.21
CA TYR A 192 -39.32 -2.40 -4.42
C TYR A 192 -39.64 -1.05 -5.06
N ASN A 193 -38.82 -0.03 -4.80
CA ASN A 193 -39.09 1.32 -5.27
C ASN A 193 -37.77 2.00 -5.62
N LEU A 194 -37.91 3.20 -6.20
CA LEU A 194 -36.81 4.12 -6.47
C LEU A 194 -37.33 5.49 -6.12
N ILE A 195 -36.54 6.29 -5.40
CA ILE A 195 -36.98 7.62 -5.05
C ILE A 195 -36.09 8.63 -5.78
N PRO A 196 -36.59 9.31 -6.78
CA PRO A 196 -35.76 10.25 -7.55
C PRO A 196 -35.67 11.61 -6.86
N GLN A 197 -35.38 11.60 -5.56
CA GLN A 197 -35.06 12.81 -4.80
C GLN A 197 -34.08 12.45 -3.69
N ILE A 198 -32.91 13.09 -3.71
CA ILE A 198 -31.95 13.04 -2.61
C ILE A 198 -31.66 14.46 -2.14
N ASP A 199 -31.98 14.73 -0.87
CA ASP A 199 -31.91 16.05 -0.23
C ASP A 199 -32.98 16.98 -0.77
N VAL A 200 -33.05 18.21 -0.22
CA VAL A 200 -34.16 19.09 -0.54
C VAL A 200 -33.97 19.70 -1.93
N PHE A 201 -35.07 20.18 -2.48
CA PHE A 201 -35.04 20.85 -3.76
C PHE A 201 -34.48 22.27 -3.64
N THR A 202 -33.89 22.74 -4.72
CA THR A 202 -33.42 24.11 -4.86
C THR A 202 -34.23 24.81 -5.96
N ASP A 203 -33.93 26.11 -6.17
CA ASP A 203 -34.75 26.99 -6.99
C ASP A 203 -34.74 26.62 -8.48
N ASN A 204 -33.78 25.81 -8.94
CA ASN A 204 -33.76 25.41 -10.34
C ASN A 204 -34.32 24.01 -10.54
N ASP A 205 -34.95 23.47 -9.50
CA ASP A 205 -35.63 22.18 -9.46
C ASP A 205 -34.66 21.01 -9.51
N TYR A 206 -33.36 21.25 -9.40
CA TYR A 206 -32.41 20.20 -9.03
C TYR A 206 -32.41 20.07 -7.50
N THR A 207 -32.07 18.89 -7.00
CA THR A 207 -31.93 18.80 -5.55
C THR A 207 -30.55 19.28 -5.10
N LYS A 208 -30.38 19.42 -3.78
CA LYS A 208 -29.06 19.80 -3.26
C LYS A 208 -28.01 18.76 -3.62
N GLU A 209 -28.38 17.49 -3.71
CA GLU A 209 -27.41 16.46 -4.06
C GLU A 209 -26.97 16.62 -5.51
N GLU A 210 -27.91 16.96 -6.39
CA GLU A 210 -27.56 17.15 -7.79
C GLU A 210 -26.71 18.40 -7.97
N MET A 211 -26.98 19.45 -7.21
CA MET A 211 -26.19 20.67 -7.33
C MET A 211 -24.80 20.53 -6.74
N LYS A 212 -24.61 19.63 -5.76
CA LYS A 212 -23.27 19.36 -5.26
C LYS A 212 -22.41 18.75 -6.36
N MET A 213 -23.01 17.84 -7.14
CA MET A 213 -22.27 17.26 -8.26
C MET A 213 -21.93 18.29 -9.32
N TYR A 214 -22.73 19.35 -9.42
CA TYR A 214 -22.41 20.44 -10.32
C TYR A 214 -21.29 21.32 -9.75
N ARG A 215 -21.47 21.80 -8.52
CA ARG A 215 -20.57 22.83 -7.98
C ARG A 215 -19.24 22.25 -7.50
N GLU A 216 -19.28 21.12 -6.78
CA GLU A 216 -18.04 20.59 -6.19
C GLU A 216 -17.10 20.10 -7.27
N THR A 217 -17.64 19.51 -8.34
CA THR A 217 -16.80 18.99 -9.40
C THR A 217 -15.94 20.08 -10.01
N LYS A 218 -16.52 21.27 -10.23
CA LYS A 218 -15.73 22.38 -10.76
C LYS A 218 -14.57 22.72 -9.83
N ARG A 219 -14.83 22.79 -8.52
CA ARG A 219 -13.80 23.17 -7.56
C ARG A 219 -12.67 22.14 -7.54
N ILE A 220 -13.04 20.86 -7.47
CA ILE A 220 -12.06 19.79 -7.30
C ILE A 220 -11.19 19.66 -8.54
N MET A 221 -11.79 19.71 -9.72
CA MET A 221 -11.05 19.51 -10.94
C MET A 221 -10.48 20.80 -11.52
N HIS A 222 -10.69 21.94 -10.86
CA HIS A 222 -10.24 23.23 -11.36
C HIS A 222 -10.69 23.41 -12.81
N SER A 223 -12.01 23.31 -13.01
CA SER A 223 -12.57 23.02 -14.32
C SER A 223 -13.82 23.86 -14.54
N ASP A 224 -14.10 24.20 -15.80
CA ASP A 224 -15.38 24.76 -16.22
C ASP A 224 -16.40 23.68 -16.58
N VAL A 225 -16.08 22.42 -16.29
CA VAL A 225 -16.98 21.30 -16.60
C VAL A 225 -18.37 21.57 -16.02
N MET A 226 -19.39 21.19 -16.80
CA MET A 226 -20.78 21.33 -16.39
C MET A 226 -21.37 19.93 -16.22
N VAL A 227 -21.81 19.63 -15.00
CA VAL A 227 -22.34 18.31 -14.66
C VAL A 227 -23.83 18.44 -14.39
N SER A 228 -24.64 17.70 -15.14
CA SER A 228 -26.07 17.64 -14.83
C SER A 228 -26.42 16.22 -14.36
N ALA A 229 -26.92 16.17 -13.12
CA ALA A 229 -27.17 14.90 -12.43
C ALA A 229 -28.65 14.67 -12.15
N THR A 230 -29.05 13.41 -12.22
CA THR A 230 -30.31 12.92 -11.65
C THR A 230 -29.93 11.91 -10.57
N CYS A 231 -30.22 12.24 -9.32
CA CYS A 231 -29.81 11.40 -8.20
C CYS A 231 -31.04 10.69 -7.65
N VAL A 232 -30.91 9.37 -7.63
CA VAL A 232 -32.04 8.47 -7.29
C VAL A 232 -31.68 7.54 -6.15
N ARG A 233 -32.53 7.47 -5.12
CA ARG A 233 -32.32 6.52 -4.01
C ARG A 233 -32.77 5.11 -4.46
N VAL A 234 -31.94 4.11 -4.20
CA VAL A 234 -32.28 2.73 -4.63
C VAL A 234 -32.12 1.76 -3.44
N PRO A 235 -32.76 0.58 -3.49
CA PRO A 235 -32.71 -0.38 -2.40
C PRO A 235 -31.40 -1.17 -2.31
N VAL A 236 -30.33 -0.45 -2.04
CA VAL A 236 -28.95 -0.97 -1.90
C VAL A 236 -28.44 -0.47 -0.55
N MET A 237 -27.58 -1.25 0.08
CA MET A 237 -27.15 -0.91 1.46
C MET A 237 -26.16 0.25 1.56
N ARG A 238 -24.98 0.14 0.95
CA ARG A 238 -23.97 1.20 1.24
C ARG A 238 -23.01 1.49 0.09
N ALA A 239 -23.27 1.00 -1.12
CA ALA A 239 -22.39 1.35 -2.26
C ALA A 239 -23.23 2.10 -3.29
N HIS A 240 -22.68 3.20 -3.81
CA HIS A 240 -23.34 4.04 -4.81
C HIS A 240 -22.92 3.62 -6.20
N SER A 241 -23.84 3.75 -7.16
CA SER A 241 -23.60 3.43 -8.56
C SER A 241 -23.85 4.67 -9.43
N GLU A 242 -23.08 4.86 -10.50
CA GLU A 242 -23.25 6.02 -11.37
C GLU A 242 -23.13 5.61 -12.83
N ALA A 243 -24.13 6.00 -13.61
CA ALA A 243 -24.10 5.89 -15.07
C ALA A 243 -23.68 7.23 -15.65
N ILE A 244 -22.56 7.26 -16.37
CA ILE A 244 -21.89 8.52 -16.71
C ILE A 244 -21.66 8.62 -18.21
N TRP A 245 -22.06 9.75 -18.79
CA TRP A 245 -21.70 10.14 -20.16
C TRP A 245 -20.79 11.35 -20.10
N VAL A 246 -19.59 11.25 -20.66
CA VAL A 246 -18.62 12.35 -20.64
C VAL A 246 -18.37 12.82 -22.07
N GLU A 247 -18.40 14.13 -22.27
CA GLU A 247 -18.05 14.72 -23.56
C GLU A 247 -16.73 15.46 -23.43
N THR A 248 -15.77 15.09 -24.28
CA THR A 248 -14.42 15.64 -24.26
C THR A 248 -14.18 16.47 -25.51
N GLU A 249 -13.04 17.18 -25.51
CA GLU A 249 -12.76 18.09 -26.61
C GLU A 249 -12.33 17.35 -27.86
N ARG A 250 -11.78 16.15 -27.72
CA ARG A 250 -11.56 15.24 -28.83
C ARG A 250 -12.13 13.87 -28.46
N PRO A 251 -12.40 13.03 -29.44
CA PRO A 251 -12.89 11.68 -29.10
C PRO A 251 -11.83 10.86 -28.38
N ILE A 252 -12.26 10.16 -27.33
CA ILE A 252 -11.46 9.15 -26.65
C ILE A 252 -12.08 7.79 -26.95
N ALA A 253 -11.31 6.92 -27.59
CA ALA A 253 -11.80 5.57 -27.85
C ALA A 253 -11.83 4.76 -26.56
N PRO A 254 -12.78 3.83 -26.44
CA PRO A 254 -12.82 2.96 -25.23
C PRO A 254 -11.48 2.31 -24.89
N GLU A 255 -10.70 1.91 -25.91
CA GLU A 255 -9.43 1.29 -25.57
C GLU A 255 -8.45 2.30 -24.97
N GLU A 256 -8.48 3.55 -25.40
CA GLU A 256 -7.63 4.54 -24.75
C GLU A 256 -8.09 4.82 -23.32
N ALA A 257 -9.40 4.96 -23.13
CA ALA A 257 -9.94 5.14 -21.79
C ALA A 257 -9.63 3.95 -20.89
N ARG A 258 -9.81 2.73 -21.40
CA ARG A 258 -9.48 1.54 -20.63
C ARG A 258 -8.03 1.55 -20.17
N ALA A 259 -7.10 1.92 -21.05
CA ALA A 259 -5.69 1.96 -20.67
C ALA A 259 -5.46 2.99 -19.57
N ALA A 260 -6.12 4.15 -19.66
CA ALA A 260 -5.99 5.18 -18.63
C ALA A 260 -6.56 4.71 -17.29
N PHE A 261 -7.73 4.07 -17.31
CA PHE A 261 -8.32 3.57 -16.07
C PHE A 261 -7.44 2.52 -15.40
N ALA A 262 -6.82 1.65 -16.20
CA ALA A 262 -6.01 0.56 -15.65
C ALA A 262 -4.78 1.06 -14.89
N LYS A 263 -4.35 2.30 -15.14
CA LYS A 263 -3.18 2.90 -14.52
C LYS A 263 -3.55 3.94 -13.46
N ALA A 264 -4.87 4.23 -13.26
CA ALA A 264 -5.25 5.40 -12.47
C ALA A 264 -5.32 5.07 -10.98
N PRO A 265 -4.75 5.92 -10.13
CA PRO A 265 -4.87 5.72 -8.68
C PRO A 265 -6.32 5.70 -8.22
N GLY A 266 -6.62 4.79 -7.30
CA GLY A 266 -7.94 4.69 -6.71
C GLY A 266 -9.00 4.06 -7.59
N VAL A 267 -8.65 3.64 -8.80
CA VAL A 267 -9.57 3.04 -9.75
C VAL A 267 -9.29 1.55 -9.85
N LEU A 268 -10.35 0.75 -9.95
CA LEU A 268 -10.22 -0.65 -10.32
C LEU A 268 -11.02 -0.88 -11.59
N LEU A 269 -10.35 -1.30 -12.66
CA LEU A 269 -11.03 -1.60 -13.92
C LEU A 269 -11.71 -2.95 -13.81
N CYS A 270 -13.01 -3.00 -14.06
CA CYS A 270 -13.72 -4.28 -14.09
C CYS A 270 -14.68 -4.18 -15.26
N ASP A 271 -14.15 -4.66 -16.41
CA ASP A 271 -14.82 -4.43 -17.68
C ASP A 271 -14.46 -5.57 -18.64
N GLU A 272 -15.19 -6.68 -18.53
CA GLU A 272 -15.06 -7.80 -19.47
C GLU A 272 -16.46 -8.27 -19.82
N PRO A 273 -17.08 -7.67 -20.84
CA PRO A 273 -18.45 -8.07 -21.20
C PRO A 273 -18.59 -9.57 -21.44
N SER A 274 -17.59 -10.20 -22.07
CA SER A 274 -17.73 -11.62 -22.41
C SER A 274 -17.75 -12.51 -21.17
N GLU A 275 -17.23 -12.02 -20.05
CA GLU A 275 -17.23 -12.71 -18.77
C GLU A 275 -18.27 -12.15 -17.80
N LYS A 276 -19.16 -11.28 -18.28
CA LYS A 276 -20.15 -10.61 -17.43
C LYS A 276 -19.48 -9.95 -16.22
N GLN A 277 -18.35 -9.29 -16.46
CA GLN A 277 -17.60 -8.61 -15.42
C GLN A 277 -17.85 -7.12 -15.57
N TYR A 278 -18.55 -6.55 -14.59
CA TYR A 278 -18.81 -5.11 -14.56
C TYR A 278 -19.01 -4.71 -13.11
N PRO A 279 -18.85 -3.42 -12.78
CA PRO A 279 -19.04 -2.97 -11.41
C PRO A 279 -20.48 -3.19 -10.95
N MET A 280 -20.63 -3.71 -9.73
CA MET A 280 -21.94 -3.88 -9.10
C MET A 280 -21.82 -3.48 -7.63
N PRO A 281 -22.80 -2.77 -7.08
CA PRO A 281 -22.64 -2.29 -5.70
C PRO A 281 -22.50 -3.41 -4.67
N LEU A 282 -23.18 -4.54 -4.86
CA LEU A 282 -23.05 -5.63 -3.90
C LEU A 282 -21.59 -6.08 -3.75
N PHE A 283 -20.82 -6.07 -4.85
CA PHE A 283 -19.43 -6.51 -4.77
C PHE A 283 -18.44 -5.37 -4.55
N GLY A 284 -18.87 -4.12 -4.65
CA GLY A 284 -18.04 -3.00 -4.27
C GLY A 284 -18.21 -2.57 -2.83
N THR A 285 -19.14 -3.22 -2.14
CA THR A 285 -19.40 -2.94 -0.74
C THR A 285 -18.19 -3.31 0.10
N GLU A 286 -17.80 -2.38 0.98
CA GLU A 286 -16.70 -2.61 1.91
C GLU A 286 -15.40 -2.91 1.15
N GLN A 287 -15.23 -2.23 0.01
CA GLN A 287 -13.99 -2.26 -0.76
C GLN A 287 -13.54 -0.82 -1.02
N ASP A 288 -12.25 -0.64 -1.26
CA ASP A 288 -11.66 0.69 -1.41
C ASP A 288 -11.77 1.36 -2.79
N PRO A 289 -11.61 0.64 -3.90
CA PRO A 289 -11.54 1.31 -5.21
C PRO A 289 -12.87 1.90 -5.66
N VAL A 290 -12.75 2.86 -6.58
CA VAL A 290 -13.86 3.22 -7.45
C VAL A 290 -13.79 2.25 -8.63
N ILE A 291 -14.79 1.39 -8.77
CA ILE A 291 -14.77 0.29 -9.73
C ILE A 291 -15.45 0.76 -11.01
N VAL A 292 -14.79 0.57 -12.17
CA VAL A 292 -15.22 1.19 -13.41
C VAL A 292 -15.35 0.13 -14.50
N GLY A 293 -16.42 0.21 -15.28
CA GLY A 293 -16.65 -0.74 -16.36
C GLY A 293 -17.74 -0.26 -17.32
N ARG A 294 -18.24 -1.20 -18.13
CA ARG A 294 -19.22 -0.88 -19.21
C ARG A 294 -18.73 0.30 -20.05
N ILE A 295 -17.43 0.34 -20.32
CA ILE A 295 -16.86 1.42 -21.11
C ILE A 295 -17.20 1.21 -22.59
N ARG A 296 -17.78 2.24 -23.20
CA ARG A 296 -18.11 2.17 -24.62
C ARG A 296 -18.15 3.58 -25.20
N GLN A 297 -18.15 3.63 -26.52
CA GLN A 297 -18.33 4.88 -27.22
C GLN A 297 -19.77 5.34 -27.06
N ASP A 298 -19.97 6.66 -27.08
CA ASP A 298 -21.31 7.25 -26.97
C ASP A 298 -21.96 7.31 -28.35
N LEU A 299 -23.00 6.48 -28.55
CA LEU A 299 -23.67 6.45 -29.85
C LEU A 299 -24.29 7.79 -30.22
N ALA A 300 -24.56 8.64 -29.23
CA ALA A 300 -25.20 9.92 -29.48
C ALA A 300 -24.20 11.05 -29.67
N ASN A 301 -22.91 10.82 -29.48
CA ASN A 301 -21.96 11.91 -29.57
C ASN A 301 -20.58 11.37 -29.95
N PRO A 302 -20.03 11.77 -31.10
CA PRO A 302 -18.69 11.30 -31.47
C PRO A 302 -17.61 11.72 -30.48
N ASN A 303 -17.84 12.75 -29.68
CA ASN A 303 -16.89 13.15 -28.64
C ASN A 303 -17.27 12.61 -27.27
N GLY A 304 -18.14 11.60 -27.22
CA GLY A 304 -18.66 11.08 -25.97
C GLY A 304 -18.11 9.72 -25.61
N LEU A 305 -17.99 9.49 -24.30
CA LEU A 305 -17.63 8.20 -23.72
C LEU A 305 -18.66 7.87 -22.65
N VAL A 306 -19.01 6.60 -22.53
CA VAL A 306 -20.01 6.14 -21.56
C VAL A 306 -19.36 5.10 -20.65
N PHE A 307 -19.69 5.17 -19.36
CA PHE A 307 -19.23 4.11 -18.48
C PHE A 307 -20.10 4.07 -17.23
N TRP A 308 -19.81 3.11 -16.38
CA TRP A 308 -20.56 2.78 -15.18
C TRP A 308 -19.56 2.60 -14.06
N CYS A 309 -19.86 3.13 -12.87
CA CYS A 309 -18.89 2.91 -11.81
C CYS A 309 -19.59 2.85 -10.46
N VAL A 310 -18.87 2.25 -9.51
CA VAL A 310 -19.38 1.90 -8.18
C VAL A 310 -18.34 2.26 -7.14
N SER A 311 -18.80 2.79 -6.01
CA SER A 311 -17.90 2.92 -4.87
C SER A 311 -18.68 2.80 -3.57
N ASP A 312 -17.95 2.47 -2.51
CA ASP A 312 -18.56 2.33 -1.20
C ASP A 312 -18.72 3.72 -0.57
N GLN A 313 -19.94 4.05 -0.14
CA GLN A 313 -20.18 5.40 0.36
C GLN A 313 -19.45 5.66 1.67
N ILE A 314 -19.26 4.63 2.49
CA ILE A 314 -18.70 4.82 3.81
C ILE A 314 -17.17 4.85 3.76
N ARG A 315 -16.58 4.18 2.78
CA ARG A 315 -15.13 4.16 2.61
C ARG A 315 -14.65 5.30 1.73
N LYS A 316 -14.44 5.05 0.42
CA LYS A 316 -13.92 6.12 -0.43
C LYS A 316 -14.87 7.32 -0.43
N GLY A 317 -16.17 7.08 -0.32
CA GLY A 317 -17.11 8.19 -0.29
C GLY A 317 -17.10 9.00 1.00
N ALA A 318 -16.34 8.59 2.02
CA ALA A 318 -16.34 9.35 3.26
C ALA A 318 -15.01 9.22 4.01
N ALA A 319 -14.90 8.21 4.87
CA ALA A 319 -13.77 8.13 5.81
C ALA A 319 -12.45 7.85 5.09
N LEU A 320 -12.44 7.00 4.06
CA LEU A 320 -11.17 6.69 3.40
C LEU A 320 -10.60 7.92 2.71
N ASN A 321 -11.45 8.69 2.03
CA ASN A 321 -10.96 9.90 1.38
C ASN A 321 -10.36 10.85 2.41
N ALA A 322 -11.01 11.00 3.57
CA ALA A 322 -10.50 11.90 4.59
C ALA A 322 -9.16 11.42 5.14
N VAL A 323 -9.01 10.13 5.39
CA VAL A 323 -7.72 9.61 5.84
C VAL A 323 -6.66 9.79 4.76
N GLN A 324 -7.03 9.61 3.49
CA GLN A 324 -6.07 9.77 2.41
C GLN A 324 -5.61 11.22 2.25
N ILE A 325 -6.47 12.19 2.54
CA ILE A 325 -6.03 13.58 2.63
C ILE A 325 -4.96 13.72 3.73
N ALA A 326 -5.24 13.18 4.90
CA ALA A 326 -4.28 13.26 6.01
C ALA A 326 -2.97 12.55 5.66
N GLU A 327 -3.05 11.38 5.01
CA GLU A 327 -1.85 10.68 4.59
C GLU A 327 -1.06 11.47 3.55
N TYR A 328 -1.76 12.13 2.64
CA TYR A 328 -1.10 12.98 1.64
C TYR A 328 -0.30 14.09 2.30
N LEU A 329 -0.88 14.74 3.31
CA LEU A 329 -0.18 15.83 3.97
C LEU A 329 1.03 15.33 4.76
N ILE A 330 0.87 14.21 5.46
CA ILE A 330 2.02 13.58 6.12
C ILE A 330 3.12 13.30 5.11
N ALA A 331 2.75 12.76 3.94
CA ALA A 331 3.73 12.37 2.94
C ALA A 331 4.45 13.57 2.33
N LYS A 332 3.83 14.74 2.32
CA LYS A 332 4.50 15.94 1.84
C LYS A 332 5.23 16.69 2.95
N GLY A 333 5.46 16.04 4.09
CA GLY A 333 6.19 16.65 5.18
C GLY A 333 5.44 17.73 5.93
N HIS A 334 4.10 17.77 5.81
CA HIS A 334 3.31 18.87 6.36
C HIS A 334 3.32 18.90 7.89
N PHE A 335 3.73 17.82 8.54
CA PHE A 335 3.68 17.71 9.99
C PHE A 335 5.05 17.43 10.58
N MET B 1 -4.73 -17.64 -10.83
CA MET B 1 -3.33 -17.52 -10.42
C MET B 1 -2.82 -18.76 -9.65
N LYS B 2 -2.00 -19.59 -10.32
CA LYS B 2 -1.45 -20.80 -9.72
C LYS B 2 0.01 -20.59 -9.39
N ILE B 3 0.38 -20.89 -8.15
CA ILE B 3 1.67 -20.53 -7.58
C ILE B 3 2.38 -21.77 -7.06
N ALA B 4 3.67 -21.88 -7.34
CA ALA B 4 4.51 -22.92 -6.78
C ALA B 4 5.54 -22.32 -5.80
N ILE B 5 5.82 -23.02 -4.71
CA ILE B 5 7.01 -22.77 -3.91
C ILE B 5 7.93 -23.98 -4.09
N VAL B 6 9.13 -23.73 -4.57
CA VAL B 6 10.14 -24.77 -4.77
C VAL B 6 11.17 -24.60 -3.67
N GLY B 7 11.28 -25.61 -2.79
CA GLY B 7 12.14 -25.49 -1.63
C GLY B 7 11.40 -24.85 -0.46
N VAL B 8 10.37 -25.53 0.05
CA VAL B 8 9.49 -24.94 1.06
C VAL B 8 9.95 -25.21 2.49
N SER B 9 10.89 -26.13 2.70
CA SER B 9 11.21 -26.63 4.03
C SER B 9 12.03 -25.66 4.87
N GLY B 10 12.86 -24.84 4.22
CA GLY B 10 13.79 -23.99 4.93
C GLY B 10 13.17 -22.66 5.37
N ALA B 11 14.03 -21.82 5.96
CA ALA B 11 13.55 -20.56 6.54
C ALA B 11 12.90 -19.66 5.51
N VAL B 12 13.47 -19.58 4.30
CA VAL B 12 12.90 -18.69 3.30
C VAL B 12 11.60 -19.25 2.76
N GLY B 13 11.57 -20.56 2.50
CA GLY B 13 10.34 -21.18 2.00
C GLY B 13 9.19 -21.02 2.98
N GLN B 14 9.47 -21.16 4.28
CA GLN B 14 8.46 -20.89 5.28
C GLN B 14 8.04 -19.42 5.26
N GLU B 15 8.99 -18.51 5.03
CA GLU B 15 8.63 -17.10 4.96
C GLU B 15 7.71 -16.83 3.76
N PHE B 16 7.95 -17.50 2.64
CA PHE B 16 7.03 -17.39 1.51
C PHE B 16 5.61 -17.73 1.91
N LEU B 17 5.44 -18.82 2.66
CA LEU B 17 4.10 -19.20 3.12
C LEU B 17 3.48 -18.09 3.95
N ARG B 18 4.27 -17.44 4.79
CA ARG B 18 3.75 -16.38 5.65
C ARG B 18 3.44 -15.12 4.84
N VAL B 19 4.38 -14.70 4.00
CA VAL B 19 4.19 -13.43 3.28
C VAL B 19 3.05 -13.55 2.28
N LEU B 20 2.94 -14.67 1.57
CA LEU B 20 1.90 -14.78 0.55
C LEU B 20 0.52 -14.71 1.18
N SER B 21 0.37 -15.20 2.41
CA SER B 21 -0.94 -15.08 3.04
C SER B 21 -1.13 -13.70 3.68
N GLN B 22 -0.10 -13.16 4.35
CA GLN B 22 -0.23 -11.83 4.96
C GLN B 22 -0.56 -10.76 3.93
N ARG B 23 0.02 -10.83 2.74
CA ARG B 23 -0.20 -9.79 1.73
C ARG B 23 -1.38 -10.11 0.81
N ASP B 24 -2.14 -11.16 1.12
CA ASP B 24 -3.29 -11.59 0.31
C ASP B 24 -2.95 -11.63 -1.16
N PHE B 25 -1.81 -12.24 -1.46
CA PHE B 25 -1.45 -12.51 -2.83
C PHE B 25 -2.54 -13.34 -3.48
N PRO B 26 -2.95 -13.01 -4.71
CA PRO B 26 -4.08 -13.72 -5.33
C PRO B 26 -3.69 -15.14 -5.73
N ILE B 27 -4.16 -16.14 -4.99
CA ILE B 27 -3.76 -17.52 -5.24
C ILE B 27 -5.01 -18.37 -5.44
N ASP B 28 -5.11 -19.01 -6.60
CA ASP B 28 -6.16 -19.95 -6.91
C ASP B 28 -5.75 -21.39 -6.63
N GLY B 29 -4.48 -21.72 -6.79
CA GLY B 29 -3.91 -23.03 -6.53
C GLY B 29 -2.49 -22.91 -6.01
N LEU B 30 -2.12 -23.75 -5.05
CA LEU B 30 -0.78 -23.73 -4.47
C LEU B 30 -0.14 -25.11 -4.61
N TYR B 31 1.13 -25.13 -5.02
CA TYR B 31 1.86 -26.35 -5.29
C TYR B 31 3.22 -26.26 -4.60
N LEU B 32 3.47 -27.17 -3.67
CA LEU B 32 4.72 -27.18 -2.92
C LEU B 32 5.61 -28.28 -3.48
N PHE B 33 6.88 -27.96 -3.68
CA PHE B 33 7.87 -28.86 -4.24
C PHE B 33 9.12 -28.83 -3.37
N GLY B 34 9.81 -29.97 -3.28
CA GLY B 34 11.07 -30.04 -2.56
C GLY B 34 11.85 -31.25 -3.04
N SER B 35 12.99 -31.50 -2.39
CA SER B 35 13.76 -32.69 -2.67
C SER B 35 13.02 -33.92 -2.15
N SER B 36 13.57 -35.11 -2.41
CA SER B 36 12.99 -36.32 -1.84
C SER B 36 12.95 -36.28 -0.31
N ARG B 37 13.79 -35.44 0.32
CA ARG B 37 13.81 -35.33 1.77
C ARG B 37 12.58 -34.61 2.30
N SER B 38 12.05 -33.67 1.53
CA SER B 38 10.89 -32.88 1.90
C SER B 38 9.58 -33.47 1.38
N ALA B 39 9.64 -34.33 0.36
CA ALA B 39 8.42 -34.85 -0.25
C ALA B 39 7.59 -35.64 0.76
N GLY B 40 6.27 -35.46 0.70
CA GLY B 40 5.36 -36.07 1.65
C GLY B 40 5.09 -35.25 2.90
N SER B 41 5.84 -34.19 3.15
CA SER B 41 5.61 -33.31 4.28
C SER B 41 4.32 -32.50 4.10
N VAL B 42 3.70 -32.11 5.22
CA VAL B 42 2.44 -31.38 5.18
C VAL B 42 2.68 -29.96 5.64
N TYR B 43 2.03 -28.99 4.97
CA TYR B 43 2.02 -27.61 5.38
C TYR B 43 0.61 -27.05 5.23
N SER B 44 0.17 -26.26 6.20
CA SER B 44 -1.14 -25.64 6.12
C SER B 44 -0.98 -24.19 5.65
N PHE B 45 -1.87 -23.79 4.75
CA PHE B 45 -1.82 -22.45 4.16
C PHE B 45 -3.24 -21.96 3.92
N LYS B 46 -3.62 -20.89 4.63
CA LYS B 46 -4.98 -20.36 4.54
C LYS B 46 -6.03 -21.46 4.74
N GLY B 47 -5.80 -22.29 5.76
CA GLY B 47 -6.81 -23.25 6.19
C GLY B 47 -6.92 -24.52 5.37
N LYS B 48 -6.05 -24.71 4.39
CA LYS B 48 -5.96 -25.95 3.62
C LYS B 48 -4.58 -26.58 3.85
N GLU B 49 -4.53 -27.90 3.81
CA GLU B 49 -3.27 -28.62 3.98
C GLU B 49 -2.76 -29.07 2.62
N TYR B 50 -1.45 -28.98 2.45
CA TYR B 50 -0.79 -29.23 1.18
C TYR B 50 0.33 -30.22 1.42
N VAL B 51 0.53 -31.12 0.45
CA VAL B 51 1.53 -32.18 0.56
C VAL B 51 2.63 -31.90 -0.44
N VAL B 52 3.87 -31.86 0.04
CA VAL B 52 5.02 -31.53 -0.80
C VAL B 52 5.27 -32.67 -1.78
N ARG B 53 5.47 -32.32 -3.04
CA ARG B 53 5.82 -33.26 -4.10
C ARG B 53 7.31 -33.17 -4.38
N GLU B 54 7.93 -34.30 -4.70
CA GLU B 54 9.32 -34.31 -5.07
C GLU B 54 9.53 -33.58 -6.39
N LEU B 55 10.54 -32.74 -6.44
CA LEU B 55 10.87 -32.02 -7.66
C LEU B 55 11.55 -32.97 -8.64
N LYS B 56 10.91 -33.20 -9.79
CA LYS B 56 11.36 -34.16 -10.77
C LYS B 56 11.34 -33.54 -12.16
N ASP B 57 12.15 -34.09 -13.05
CA ASP B 57 12.26 -33.58 -14.42
C ASP B 57 11.09 -34.11 -15.24
N ASN B 58 9.96 -33.41 -15.12
CA ASN B 58 8.70 -33.83 -15.73
C ASN B 58 7.90 -32.58 -16.10
N ASP B 59 6.58 -32.74 -16.20
CA ASP B 59 5.66 -31.69 -16.65
C ASP B 59 4.79 -31.16 -15.52
N ASP B 60 5.27 -31.24 -14.28
CA ASP B 60 4.47 -30.84 -13.12
C ASP B 60 4.13 -29.36 -13.11
N PHE B 61 4.90 -28.53 -13.84
CA PHE B 61 4.69 -27.09 -13.80
C PHE B 61 3.78 -26.62 -14.92
N LYS B 62 3.27 -27.53 -15.74
CA LYS B 62 2.19 -27.20 -16.65
C LYS B 62 1.04 -26.56 -15.89
N GLY B 63 0.63 -25.37 -16.33
CA GLY B 63 -0.47 -24.66 -15.70
C GLY B 63 -0.08 -23.75 -14.56
N ILE B 64 1.19 -23.76 -14.15
CA ILE B 64 1.64 -22.94 -13.03
C ILE B 64 2.12 -21.59 -13.55
N ASP B 65 1.64 -20.51 -12.94
CA ASP B 65 1.96 -19.18 -13.44
C ASP B 65 3.32 -18.70 -12.94
N ILE B 66 3.58 -18.88 -11.65
CA ILE B 66 4.80 -18.37 -11.01
C ILE B 66 5.33 -19.44 -10.06
N ALA B 67 6.64 -19.70 -10.13
CA ALA B 67 7.32 -20.54 -9.16
C ALA B 67 8.32 -19.68 -8.38
N PHE B 68 8.14 -19.59 -7.07
CA PHE B 68 9.08 -18.96 -6.18
C PHE B 68 10.05 -20.02 -5.68
N CYS B 69 11.33 -19.89 -6.04
CA CYS B 69 12.38 -20.88 -5.80
C CYS B 69 13.33 -20.45 -4.69
N SER B 70 13.37 -21.18 -3.57
CA SER B 70 14.36 -20.95 -2.51
C SER B 70 15.03 -22.27 -2.14
N ALA B 71 15.72 -22.88 -3.10
CA ALA B 71 16.27 -24.21 -2.92
C ALA B 71 17.76 -24.29 -3.24
N GLY B 72 18.45 -23.15 -3.27
CA GLY B 72 19.86 -23.16 -3.59
C GLY B 72 20.13 -23.17 -5.08
N GLY B 73 21.32 -22.69 -5.44
CA GLY B 73 21.69 -22.59 -6.85
C GLY B 73 21.87 -23.95 -7.52
N ASP B 74 22.29 -24.96 -6.74
CA ASP B 74 22.32 -26.35 -7.17
C ASP B 74 21.00 -26.75 -7.82
N THR B 75 19.95 -26.64 -7.01
CA THR B 75 18.62 -27.04 -7.46
C THR B 75 18.14 -26.15 -8.60
N SER B 76 18.36 -24.83 -8.49
CA SER B 76 17.88 -23.91 -9.52
C SER B 76 18.54 -24.19 -10.87
N ILE B 77 19.84 -24.48 -10.88
CA ILE B 77 20.52 -24.82 -12.13
C ILE B 77 19.95 -26.11 -12.69
N ALA B 78 19.75 -27.11 -11.83
CA ALA B 78 19.31 -28.44 -12.26
C ALA B 78 17.90 -28.41 -12.83
N PHE B 79 17.02 -27.61 -12.24
CA PHE B 79 15.60 -27.72 -12.56
C PHE B 79 14.99 -26.46 -13.19
N ALA B 80 15.81 -25.45 -13.53
CA ALA B 80 15.26 -24.28 -14.22
C ALA B 80 14.54 -24.67 -15.50
N ASP B 81 15.11 -25.61 -16.25
CA ASP B 81 14.43 -26.00 -17.48
C ASP B 81 13.11 -26.71 -17.19
N THR B 82 13.07 -27.56 -16.15
CA THR B 82 11.82 -28.20 -15.77
C THR B 82 10.78 -27.17 -15.35
N ILE B 83 11.19 -26.24 -14.48
CA ILE B 83 10.24 -25.27 -13.94
C ILE B 83 9.66 -24.39 -15.04
N THR B 84 10.50 -23.97 -16.00
CA THR B 84 10.03 -23.06 -17.05
C THR B 84 9.49 -23.77 -18.28
N ARG B 85 9.42 -25.11 -18.25
CA ARG B 85 9.13 -25.90 -19.46
C ARG B 85 7.80 -25.53 -20.10
N HIS B 86 6.83 -25.09 -19.30
CA HIS B 86 5.47 -24.86 -19.77
C HIS B 86 5.03 -23.41 -19.56
N GLY B 87 5.99 -22.49 -19.58
CA GLY B 87 5.70 -21.07 -19.51
C GLY B 87 5.69 -20.48 -18.11
N THR B 88 5.99 -21.27 -17.09
CA THR B 88 6.01 -20.75 -15.73
C THR B 88 7.11 -19.72 -15.58
N LEU B 89 6.79 -18.60 -14.93
CA LEU B 89 7.80 -17.62 -14.58
C LEU B 89 8.51 -18.06 -13.30
N MET B 90 9.81 -18.31 -13.40
CA MET B 90 10.62 -18.69 -12.27
C MET B 90 11.21 -17.43 -11.65
N ILE B 91 10.84 -17.14 -10.40
CA ILE B 91 11.48 -16.08 -9.63
C ILE B 91 12.45 -16.75 -8.66
N ASP B 92 13.72 -16.62 -8.99
CA ASP B 92 14.81 -17.38 -8.33
C ASP B 92 15.54 -16.56 -7.27
N ASN B 93 15.54 -17.10 -6.04
CA ASN B 93 16.20 -16.50 -4.84
C ASN B 93 17.70 -16.83 -4.83
N SER B 94 18.11 -17.85 -5.58
CA SER B 94 19.50 -18.34 -5.69
C SER B 94 20.43 -17.39 -6.45
N SER B 95 21.72 -17.63 -6.34
CA SER B 95 22.71 -16.85 -7.08
C SER B 95 22.99 -17.40 -8.47
N ALA B 96 22.32 -18.50 -8.86
CA ALA B 96 22.66 -19.20 -10.09
C ALA B 96 22.70 -18.28 -11.30
N PHE B 97 21.66 -17.47 -11.51
CA PHE B 97 21.49 -16.73 -12.76
C PHE B 97 21.75 -15.24 -12.63
N ARG B 98 22.38 -14.81 -11.54
CA ARG B 98 22.41 -13.38 -11.23
C ARG B 98 23.31 -12.59 -12.17
N MET B 99 24.29 -13.21 -12.81
CA MET B 99 25.18 -12.47 -13.71
C MET B 99 24.87 -12.73 -15.18
N GLN B 100 23.77 -13.41 -15.49
CA GLN B 100 23.40 -13.68 -16.87
C GLN B 100 22.53 -12.54 -17.41
N GLU B 101 22.98 -11.94 -18.52
CA GLU B 101 22.41 -10.68 -18.98
C GLU B 101 20.99 -10.83 -19.49
N ASP B 102 20.56 -12.04 -19.84
CA ASP B 102 19.18 -12.27 -20.27
C ASP B 102 18.26 -12.69 -19.13
N VAL B 103 18.73 -12.60 -17.88
CA VAL B 103 17.98 -12.86 -16.65
C VAL B 103 17.89 -11.54 -15.89
N PRO B 104 16.75 -10.88 -15.73
CA PRO B 104 16.71 -9.65 -14.95
C PRO B 104 17.08 -9.90 -13.50
N LEU B 105 17.73 -8.90 -12.90
CA LEU B 105 18.13 -8.93 -11.50
C LEU B 105 17.43 -7.73 -10.87
N VAL B 106 16.37 -7.98 -10.11
CA VAL B 106 15.35 -6.96 -9.86
C VAL B 106 15.19 -6.70 -8.37
N VAL B 107 15.18 -5.42 -8.02
CA VAL B 107 14.60 -4.90 -6.79
C VAL B 107 13.50 -3.93 -7.21
N PRO B 108 12.22 -4.21 -6.89
CA PRO B 108 11.12 -3.45 -7.50
C PRO B 108 11.16 -1.94 -7.25
N GLU B 109 11.67 -1.52 -6.08
CA GLU B 109 11.80 -0.09 -5.78
C GLU B 109 12.82 0.62 -6.67
N VAL B 110 13.69 -0.12 -7.33
CA VAL B 110 14.82 0.45 -8.06
C VAL B 110 14.69 0.26 -9.57
N ASN B 111 14.47 -0.98 -10.02
CA ASN B 111 14.46 -1.29 -11.44
C ASN B 111 13.34 -2.29 -11.77
N GLY B 112 12.16 -2.08 -11.19
CA GLY B 112 11.06 -3.02 -11.38
C GLY B 112 10.71 -3.28 -12.83
N ASP B 113 10.82 -2.26 -13.69
CA ASP B 113 10.48 -2.44 -15.09
C ASP B 113 11.42 -3.44 -15.80
N ASP B 114 12.58 -3.74 -15.23
CA ASP B 114 13.44 -4.77 -15.80
C ASP B 114 12.78 -6.15 -15.74
N ALA B 115 11.84 -6.35 -14.83
CA ALA B 115 11.17 -7.65 -14.69
C ALA B 115 10.22 -7.95 -15.85
N LEU B 116 9.87 -6.94 -16.65
CA LEU B 116 8.90 -7.14 -17.72
C LEU B 116 9.46 -7.93 -18.89
N VAL B 117 10.77 -8.00 -19.02
CA VAL B 117 11.42 -8.67 -20.13
C VAL B 117 12.25 -9.81 -19.56
N HIS B 118 11.81 -11.04 -19.81
CA HIS B 118 12.48 -12.24 -19.28
C HIS B 118 12.51 -13.32 -20.36
N PRO B 119 13.46 -13.25 -21.29
CA PRO B 119 13.50 -14.24 -22.39
C PRO B 119 13.56 -15.66 -21.91
N ARG B 120 14.23 -15.92 -20.78
CA ARG B 120 14.35 -17.28 -20.26
C ARG B 120 13.26 -17.64 -19.26
N ASN B 121 12.26 -16.77 -19.09
CA ASN B 121 11.23 -16.91 -18.06
C ASN B 121 11.84 -17.15 -16.67
N ILE B 122 13.00 -16.51 -16.43
CA ILE B 122 13.65 -16.48 -15.13
C ILE B 122 13.86 -15.02 -14.74
N ILE B 123 13.55 -14.70 -13.49
CA ILE B 123 13.97 -13.45 -12.85
C ILE B 123 14.73 -13.84 -11.60
N SER B 124 15.83 -13.16 -11.32
CA SER B 124 16.60 -13.48 -10.13
C SER B 124 16.40 -12.41 -9.06
N ASN B 125 16.20 -12.90 -7.85
CA ASN B 125 16.30 -12.10 -6.62
C ASN B 125 17.77 -11.81 -6.34
N PRO B 126 18.15 -10.57 -6.03
CA PRO B 126 19.55 -10.29 -5.71
C PRO B 126 19.91 -10.79 -4.32
N ASN B 127 21.20 -10.72 -4.01
CA ASN B 127 21.71 -11.02 -2.67
C ASN B 127 21.08 -10.08 -1.63
N CYS B 128 20.84 -10.63 -0.44
CA CYS B 128 20.23 -9.95 0.71
C CYS B 128 20.82 -8.56 0.94
N THR B 129 22.14 -8.57 1.12
CA THR B 129 22.82 -7.32 1.46
C THR B 129 22.78 -6.32 0.30
N THR B 130 22.72 -6.82 -0.94
CA THR B 130 22.59 -5.93 -2.10
C THR B 130 21.20 -5.30 -2.12
N ILE B 131 20.14 -6.10 -1.88
CA ILE B 131 18.79 -5.58 -1.87
C ILE B 131 18.70 -4.41 -0.90
N GLN B 132 19.13 -4.66 0.33
CA GLN B 132 19.12 -3.65 1.38
C GLN B 132 19.85 -2.39 0.95
N MET B 133 21.04 -2.54 0.34
CA MET B 133 21.83 -1.36 -0.01
C MET B 133 21.17 -0.55 -1.13
N VAL B 134 20.71 -1.21 -2.19
CA VAL B 134 20.19 -0.43 -3.33
C VAL B 134 18.85 0.21 -2.99
N VAL B 135 18.08 -0.37 -2.08
CA VAL B 135 16.86 0.29 -1.60
C VAL B 135 17.22 1.60 -0.92
N ALA B 136 18.33 1.63 -0.18
CA ALA B 136 18.78 2.88 0.39
C ALA B 136 19.44 3.79 -0.64
N LEU B 137 20.23 3.23 -1.56
CA LEU B 137 20.97 4.06 -2.51
C LEU B 137 20.05 4.79 -3.50
N LYS B 138 18.94 4.17 -3.91
CA LYS B 138 18.12 4.69 -5.00
C LYS B 138 17.63 6.12 -4.78
N PRO B 139 17.04 6.49 -3.63
CA PRO B 139 16.65 7.91 -3.47
C PRO B 139 17.82 8.88 -3.48
N ILE B 140 19.01 8.44 -3.09
CA ILE B 140 20.18 9.32 -3.19
C ILE B 140 20.64 9.44 -4.63
N GLU B 141 20.69 8.31 -5.35
CA GLU B 141 21.02 8.33 -6.78
C GLU B 141 20.12 9.27 -7.56
N ASP B 142 18.83 9.31 -7.22
CA ASP B 142 17.90 10.19 -7.92
C ASP B 142 18.27 11.66 -7.74
N LEU B 143 18.93 12.02 -6.63
CA LEU B 143 19.37 13.38 -6.39
C LEU B 143 20.65 13.70 -7.16
N SER B 144 21.65 12.82 -7.08
CA SER B 144 22.90 13.03 -7.80
C SER B 144 23.58 11.67 -7.91
N HIS B 145 24.18 11.44 -9.08
CA HIS B 145 24.75 10.13 -9.40
C HIS B 145 25.80 9.70 -8.38
N ILE B 146 25.69 8.45 -7.92
CA ILE B 146 26.62 7.88 -6.96
C ILE B 146 27.80 7.30 -7.72
N ARG B 147 29.00 7.81 -7.45
CA ARG B 147 30.20 7.29 -8.10
C ARG B 147 30.83 6.13 -7.32
N ARG B 148 30.85 6.20 -5.99
CA ARG B 148 31.59 5.26 -5.16
C ARG B 148 30.82 4.99 -3.88
N VAL B 149 30.97 3.77 -3.37
CA VAL B 149 30.38 3.35 -2.11
C VAL B 149 31.41 2.54 -1.33
N HIS B 150 31.61 2.87 -0.06
CA HIS B 150 32.31 2.02 0.88
C HIS B 150 31.27 1.47 1.83
N VAL B 151 31.27 0.16 2.06
CA VAL B 151 30.25 -0.43 2.93
C VAL B 151 30.86 -1.54 3.78
N ALA B 152 30.68 -1.43 5.09
CA ALA B 152 30.98 -2.48 6.06
C ALA B 152 29.67 -3.11 6.50
N THR B 153 29.55 -4.42 6.33
CA THR B 153 28.33 -5.10 6.74
C THR B 153 28.52 -5.81 8.07
N TYR B 154 27.40 -5.97 8.78
CA TYR B 154 27.34 -6.68 10.04
C TYR B 154 26.20 -7.68 9.81
N GLN B 155 26.58 -8.88 9.40
CA GLN B 155 25.62 -9.80 8.78
C GLN B 155 25.25 -10.93 9.74
N ALA B 156 23.95 -11.19 9.82
CA ALA B 156 23.39 -12.08 10.83
C ALA B 156 23.63 -13.55 10.50
N ALA B 157 23.43 -14.39 11.52
CA ALA B 157 23.64 -15.82 11.38
C ALA B 157 22.70 -16.44 10.34
N SER B 158 21.53 -15.84 10.10
CA SER B 158 20.59 -16.41 9.14
C SER B 158 21.16 -16.52 7.72
N GLY B 159 22.20 -15.76 7.39
CA GLY B 159 22.86 -15.93 6.11
C GLY B 159 23.37 -17.35 5.87
N ALA B 160 23.63 -18.10 6.94
CA ALA B 160 24.00 -19.50 6.84
C ALA B 160 22.79 -20.43 6.97
N GLY B 161 21.58 -19.89 6.82
CA GLY B 161 20.38 -20.70 6.89
C GLY B 161 19.98 -21.02 8.32
N ALA B 162 18.95 -21.87 8.42
CA ALA B 162 18.40 -22.21 9.72
C ALA B 162 19.44 -22.90 10.60
N LEU B 163 20.31 -23.70 9.98
CA LEU B 163 21.36 -24.35 10.77
C LEU B 163 22.37 -23.35 11.31
N GLY B 164 22.64 -22.28 10.56
CA GLY B 164 23.48 -21.21 11.09
C GLY B 164 22.85 -20.52 12.28
N MET B 165 21.55 -20.20 12.17
CA MET B 165 20.84 -19.60 13.30
C MET B 165 20.84 -20.53 14.51
N ALA B 166 20.63 -21.83 14.28
CA ALA B 166 20.61 -22.79 15.38
C ALA B 166 21.97 -22.94 16.02
N GLU B 167 23.05 -22.86 15.22
CA GLU B 167 24.38 -22.94 15.81
C GLU B 167 24.64 -21.77 16.75
N LEU B 168 24.19 -20.57 16.39
CA LEU B 168 24.43 -19.42 17.26
C LEU B 168 23.67 -19.56 18.58
N VAL B 169 22.40 -19.96 18.51
CA VAL B 169 21.61 -20.03 19.76
C VAL B 169 22.20 -21.11 20.66
N GLN B 170 22.70 -22.19 20.08
CA GLN B 170 23.27 -23.31 20.86
C GLN B 170 24.55 -22.82 21.53
N GLN B 171 25.34 -22.00 20.84
CA GLN B 171 26.61 -21.49 21.43
C GLN B 171 26.26 -20.61 22.60
N VAL B 172 25.23 -19.81 22.48
CA VAL B 172 24.78 -19.03 23.63
C VAL B 172 24.50 -19.96 24.80
N GLU B 173 23.86 -21.09 24.53
CA GLU B 173 23.59 -22.08 25.58
C GLU B 173 24.89 -22.61 26.19
N GLU B 174 25.76 -23.16 25.34
CA GLU B 174 26.98 -23.79 25.87
C GLU B 174 27.84 -22.78 26.62
N LEU B 175 27.86 -21.53 26.15
CA LEU B 175 28.62 -20.45 26.77
C LEU B 175 28.16 -20.19 28.19
N ALA B 176 26.85 -20.08 28.35
CA ALA B 176 26.26 -19.71 29.66
C ALA B 176 26.41 -20.86 30.66
N ARG B 177 26.61 -22.08 30.17
CA ARG B 177 26.78 -23.24 31.08
C ARG B 177 28.25 -23.64 31.17
N GLY B 178 29.19 -22.83 30.67
CA GLY B 178 30.61 -23.13 30.75
C GLY B 178 31.06 -24.35 29.96
N GLU B 179 30.34 -24.70 28.90
CA GLU B 179 30.74 -25.80 28.03
C GLU B 179 31.44 -25.25 26.79
N LYS B 180 32.20 -26.12 26.12
CA LYS B 180 32.84 -25.67 24.90
C LYS B 180 31.80 -25.42 23.83
N PRO B 181 31.93 -24.31 23.11
CA PRO B 181 31.00 -24.03 22.01
C PRO B 181 31.22 -24.98 20.83
N THR B 182 30.12 -25.52 20.32
CA THR B 182 30.17 -26.31 19.10
C THR B 182 30.31 -25.38 17.90
N VAL B 183 31.32 -25.64 17.08
CA VAL B 183 31.62 -24.84 15.90
C VAL B 183 31.54 -25.77 14.69
N ASP B 184 30.75 -25.39 13.70
CA ASP B 184 30.45 -26.27 12.57
C ASP B 184 30.00 -25.49 11.36
N LYS B 185 28.84 -24.82 11.45
CA LYS B 185 28.21 -24.05 10.39
C LYS B 185 29.05 -22.84 9.98
N PHE B 186 29.72 -22.24 10.96
CA PHE B 186 30.62 -21.12 10.72
C PHE B 186 32.06 -21.59 10.93
N ALA B 187 33.00 -20.91 10.27
CA ALA B 187 34.40 -21.35 10.30
C ALA B 187 35.03 -21.14 11.67
N TYR B 188 34.45 -20.29 12.52
CA TYR B 188 34.95 -20.08 13.88
C TYR B 188 33.75 -19.87 14.79
N GLN B 189 34.01 -19.88 16.09
CA GLN B 189 33.00 -19.47 17.07
C GLN B 189 32.46 -18.10 16.71
N LEU B 190 31.13 -17.98 16.65
CA LEU B 190 30.52 -16.69 16.28
C LEU B 190 30.12 -15.87 17.49
N MET B 191 29.62 -16.52 18.53
CA MET B 191 29.32 -15.83 19.78
C MET B 191 30.58 -15.17 20.34
N TYR B 192 30.44 -13.94 20.81
CA TYR B 192 31.56 -13.14 21.33
C TYR B 192 32.67 -12.95 20.30
N ASN B 193 32.33 -13.06 19.01
CA ASN B 193 33.34 -12.99 17.95
C ASN B 193 32.74 -12.25 16.76
N LEU B 194 33.60 -11.98 15.77
CA LEU B 194 33.21 -11.46 14.46
C LEU B 194 34.03 -12.20 13.43
N ILE B 195 33.40 -12.60 12.33
CA ILE B 195 34.11 -13.36 11.31
C ILE B 195 34.16 -12.55 10.02
N PRO B 196 35.25 -11.95 9.69
CA PRO B 196 35.33 -11.10 8.49
C PRO B 196 35.50 -11.93 7.23
N GLN B 197 34.69 -12.97 7.07
CA GLN B 197 34.63 -13.74 5.83
C GLN B 197 33.21 -14.24 5.66
N ILE B 198 32.55 -13.82 4.59
CA ILE B 198 31.27 -14.39 4.18
C ILE B 198 31.44 -14.98 2.78
N ASP B 199 31.28 -16.30 2.67
CA ASP B 199 31.44 -17.07 1.44
C ASP B 199 32.91 -17.23 1.06
N VAL B 200 33.19 -17.94 -0.04
CA VAL B 200 34.58 -18.25 -0.38
C VAL B 200 35.28 -17.02 -0.93
N PHE B 201 36.61 -17.04 -0.86
CA PHE B 201 37.42 -15.98 -1.45
C PHE B 201 37.51 -16.09 -2.96
N THR B 202 37.76 -14.96 -3.60
CA THR B 202 38.01 -14.86 -5.04
C THR B 202 39.42 -14.34 -5.26
N ASP B 203 39.80 -14.23 -6.53
CA ASP B 203 41.21 -14.01 -6.88
C ASP B 203 41.72 -12.63 -6.48
N ASN B 204 40.84 -11.64 -6.30
CA ASN B 204 41.27 -10.32 -5.83
C ASN B 204 41.20 -10.19 -4.31
N ASP B 205 41.02 -11.30 -3.60
CA ASP B 205 40.98 -11.40 -2.13
C ASP B 205 39.75 -10.75 -1.53
N TYR B 206 38.78 -10.33 -2.34
CA TYR B 206 37.42 -10.14 -1.86
C TYR B 206 36.70 -11.48 -1.81
N THR B 207 35.75 -11.62 -0.89
CA THR B 207 34.95 -12.85 -0.90
C THR B 207 33.85 -12.76 -1.96
N LYS B 208 33.20 -13.90 -2.22
CA LYS B 208 32.09 -13.90 -3.18
C LYS B 208 30.96 -12.99 -2.71
N GLU B 209 30.77 -12.86 -1.40
CA GLU B 209 29.73 -11.95 -0.89
C GLU B 209 30.06 -10.50 -1.19
N GLU B 210 31.32 -10.12 -0.97
CA GLU B 210 31.74 -8.75 -1.27
C GLU B 210 31.62 -8.45 -2.75
N MET B 211 31.96 -9.43 -3.61
CA MET B 211 31.89 -9.17 -5.03
C MET B 211 30.46 -9.13 -5.56
N LYS B 212 29.51 -9.77 -4.86
CA LYS B 212 28.12 -9.63 -5.26
C LYS B 212 27.66 -8.19 -5.04
N MET B 213 28.14 -7.55 -3.99
CA MET B 213 27.79 -6.17 -3.76
C MET B 213 28.40 -5.25 -4.80
N TYR B 214 29.53 -5.64 -5.38
CA TYR B 214 30.12 -4.89 -6.48
C TYR B 214 29.34 -5.13 -7.78
N ARG B 215 29.20 -6.40 -8.17
CA ARG B 215 28.65 -6.71 -9.50
C ARG B 215 27.14 -6.48 -9.58
N GLU B 216 26.39 -6.89 -8.55
CA GLU B 216 24.93 -6.84 -8.67
C GLU B 216 24.42 -5.40 -8.63
N THR B 217 25.06 -4.57 -7.82
CA THR B 217 24.65 -3.16 -7.72
C THR B 217 24.73 -2.47 -9.07
N LYS B 218 25.81 -2.71 -9.82
CA LYS B 218 25.92 -2.14 -11.16
C LYS B 218 24.74 -2.55 -12.03
N ARG B 219 24.35 -3.83 -11.97
CA ARG B 219 23.25 -4.33 -12.81
C ARG B 219 21.93 -3.70 -12.42
N ILE B 220 21.63 -3.68 -11.11
CA ILE B 220 20.32 -3.26 -10.62
C ILE B 220 20.11 -1.77 -10.83
N MET B 221 21.16 -0.99 -10.60
CA MET B 221 21.08 0.45 -10.71
C MET B 221 21.44 0.96 -12.10
N HIS B 222 21.72 0.05 -13.05
CA HIS B 222 22.13 0.43 -14.40
C HIS B 222 23.21 1.49 -14.33
N SER B 223 24.28 1.19 -13.59
CA SER B 223 25.19 2.22 -13.09
C SER B 223 26.63 1.76 -13.22
N ASP B 224 27.54 2.74 -13.35
CA ASP B 224 28.98 2.50 -13.24
C ASP B 224 29.47 2.60 -11.80
N VAL B 225 28.56 2.70 -10.84
CA VAL B 225 28.92 2.80 -9.43
C VAL B 225 29.87 1.68 -9.04
N MET B 226 30.88 2.01 -8.22
CA MET B 226 31.85 1.05 -7.71
C MET B 226 31.65 0.90 -6.22
N VAL B 227 31.30 -0.31 -5.78
CA VAL B 227 31.05 -0.63 -4.38
C VAL B 227 32.20 -1.50 -3.87
N SER B 228 32.87 -1.05 -2.82
CA SER B 228 33.87 -1.87 -2.14
C SER B 228 33.34 -2.23 -0.76
N ALA B 229 33.17 -3.53 -0.53
CA ALA B 229 32.52 -4.05 0.68
C ALA B 229 33.49 -4.84 1.55
N THR B 230 33.33 -4.69 2.87
CA THR B 230 33.92 -5.63 3.84
C THR B 230 32.74 -6.30 4.53
N CYS B 231 32.60 -7.60 4.33
CA CYS B 231 31.43 -8.34 4.78
C CYS B 231 31.82 -9.15 6.01
N VAL B 232 31.14 -8.89 7.12
CA VAL B 232 31.50 -9.49 8.43
C VAL B 232 30.32 -10.19 9.08
N ARG B 233 30.53 -11.43 9.50
CA ARG B 233 29.47 -12.18 10.22
C ARG B 233 29.52 -11.73 11.66
N VAL B 234 28.35 -11.44 12.23
CA VAL B 234 28.25 -10.97 13.63
C VAL B 234 27.21 -11.84 14.37
N PRO B 235 27.23 -11.87 15.71
CA PRO B 235 26.30 -12.68 16.49
C PRO B 235 24.90 -12.07 16.63
N VAL B 236 24.20 -11.99 15.51
CA VAL B 236 22.84 -11.43 15.36
C VAL B 236 22.03 -12.51 14.64
N MET B 237 20.75 -12.55 14.88
CA MET B 237 19.93 -13.67 14.43
C MET B 237 19.60 -13.60 12.94
N ARG B 238 18.89 -12.54 12.50
CA ARG B 238 18.38 -12.57 11.13
C ARG B 238 18.20 -11.20 10.48
N ALA B 239 18.74 -10.13 11.04
CA ALA B 239 18.72 -8.83 10.38
C ALA B 239 20.16 -8.40 10.13
N HIS B 240 20.39 -7.86 8.93
CA HIS B 240 21.69 -7.38 8.48
C HIS B 240 21.81 -5.89 8.69
N SER B 241 23.00 -5.43 9.06
CA SER B 241 23.27 -4.02 9.27
C SER B 241 24.38 -3.58 8.33
N GLU B 242 24.33 -2.33 7.85
CA GLU B 242 25.33 -1.84 6.91
C GLU B 242 25.72 -0.41 7.25
N ALA B 243 27.02 -0.16 7.38
CA ALA B 243 27.57 1.18 7.51
C ALA B 243 28.03 1.63 6.12
N ILE B 244 27.47 2.74 5.63
CA ILE B 244 27.63 3.08 4.22
C ILE B 244 28.17 4.50 4.08
N TRP B 245 29.20 4.65 3.24
CA TRP B 245 29.69 5.94 2.78
C TRP B 245 29.43 6.05 1.28
N VAL B 246 28.72 7.09 0.86
CA VAL B 246 28.37 7.24 -0.54
C VAL B 246 28.95 8.56 -1.05
N GLU B 247 29.59 8.50 -2.21
CA GLU B 247 30.13 9.71 -2.85
C GLU B 247 29.33 10.00 -4.11
N THR B 248 28.77 11.21 -4.20
CA THR B 248 27.96 11.65 -5.32
C THR B 248 28.66 12.74 -6.13
N GLU B 249 28.09 13.02 -7.31
CA GLU B 249 28.74 13.98 -8.21
C GLU B 249 28.66 15.41 -7.68
N ARG B 250 27.64 15.72 -6.89
CA ARG B 250 27.57 16.96 -6.13
C ARG B 250 27.32 16.65 -4.67
N PRO B 251 27.67 17.57 -3.76
CA PRO B 251 27.32 17.35 -2.34
C PRO B 251 25.81 17.25 -2.15
N ILE B 252 25.41 16.30 -1.30
CA ILE B 252 24.05 16.20 -0.79
C ILE B 252 24.11 16.39 0.72
N ALA B 253 23.45 17.42 1.21
CA ALA B 253 23.46 17.68 2.65
C ALA B 253 22.55 16.69 3.37
N PRO B 254 22.82 16.39 4.65
CA PRO B 254 21.97 15.43 5.38
C PRO B 254 20.49 15.78 5.37
N GLU B 255 20.11 17.07 5.45
CA GLU B 255 18.68 17.38 5.39
C GLU B 255 18.07 17.05 4.03
N GLU B 256 18.83 17.21 2.94
CA GLU B 256 18.30 16.81 1.65
C GLU B 256 18.15 15.29 1.56
N ALA B 257 19.15 14.56 2.03
CA ALA B 257 19.07 13.11 2.07
C ALA B 257 17.91 12.65 2.96
N ARG B 258 17.82 13.19 4.17
CA ARG B 258 16.71 12.90 5.06
C ARG B 258 15.36 13.05 4.35
N ALA B 259 15.19 14.14 3.60
CA ALA B 259 13.94 14.37 2.87
C ALA B 259 13.70 13.30 1.81
N ALA B 260 14.76 12.89 1.11
CA ALA B 260 14.61 11.85 0.08
C ALA B 260 14.28 10.50 0.71
N PHE B 261 14.93 10.16 1.83
CA PHE B 261 14.63 8.89 2.48
C PHE B 261 13.21 8.87 3.02
N ALA B 262 12.73 10.01 3.55
CA ALA B 262 11.40 10.05 4.15
C ALA B 262 10.31 9.77 3.12
N LYS B 263 10.59 9.98 1.84
CA LYS B 263 9.64 9.77 0.76
C LYS B 263 9.88 8.47 0.00
N ALA B 264 10.89 7.69 0.39
CA ALA B 264 11.32 6.63 -0.51
C ALA B 264 10.58 5.34 -0.24
N PRO B 265 10.11 4.68 -1.29
CA PRO B 265 9.43 3.39 -1.12
C PRO B 265 10.39 2.36 -0.51
N GLY B 266 9.85 1.55 0.39
CA GLY B 266 10.64 0.50 1.00
C GLY B 266 11.55 0.95 2.12
N VAL B 267 11.61 2.25 2.42
CA VAL B 267 12.51 2.83 3.41
C VAL B 267 11.69 3.32 4.59
N LEU B 268 12.21 3.10 5.80
CA LEU B 268 11.70 3.74 7.01
C LEU B 268 12.78 4.60 7.61
N LEU B 269 12.53 5.91 7.69
CA LEU B 269 13.50 6.81 8.33
C LEU B 269 13.44 6.66 9.85
N CYS B 270 14.57 6.31 10.46
CA CYS B 270 14.65 6.26 11.92
C CYS B 270 15.99 6.90 12.29
N ASP B 271 15.89 8.19 12.58
CA ASP B 271 17.07 9.02 12.74
C ASP B 271 16.78 10.24 13.62
N GLU B 272 16.83 10.07 14.93
CA GLU B 272 16.66 11.15 15.89
C GLU B 272 17.73 11.00 16.96
N PRO B 273 18.93 11.52 16.69
CA PRO B 273 20.03 11.29 17.63
C PRO B 273 19.68 11.68 19.06
N SER B 274 18.96 12.79 19.23
CA SER B 274 18.64 13.28 20.57
C SER B 274 17.74 12.32 21.34
N GLU B 275 17.04 11.42 20.67
CA GLU B 275 16.25 10.41 21.36
C GLU B 275 16.79 8.99 21.17
N LYS B 276 18.05 8.89 20.76
CA LYS B 276 18.74 7.60 20.52
C LYS B 276 17.90 6.76 19.58
N GLN B 277 17.35 7.40 18.55
CA GLN B 277 16.56 6.63 17.57
C GLN B 277 17.46 6.41 16.35
N TYR B 278 17.81 5.16 16.12
CA TYR B 278 18.62 4.75 14.95
C TYR B 278 18.29 3.30 14.63
N PRO B 279 18.55 2.83 13.40
CA PRO B 279 18.30 1.45 13.07
C PRO B 279 19.15 0.50 13.89
N MET B 280 18.51 -0.54 14.40
CA MET B 280 19.20 -1.64 15.09
C MET B 280 18.61 -2.97 14.64
N PRO B 281 19.46 -3.97 14.40
CA PRO B 281 18.93 -5.24 13.87
C PRO B 281 17.92 -5.90 14.78
N LEU B 282 18.06 -5.78 16.10
CA LEU B 282 17.10 -6.44 16.98
C LEU B 282 15.70 -5.93 16.72
N PHE B 283 15.55 -4.65 16.42
CA PHE B 283 14.24 -4.04 16.21
C PHE B 283 13.82 -4.02 14.74
N GLY B 284 14.74 -4.33 13.81
CA GLY B 284 14.38 -4.49 12.41
C GLY B 284 14.01 -5.90 12.03
N THR B 285 14.17 -6.83 12.96
CA THR B 285 13.84 -8.22 12.73
C THR B 285 12.34 -8.38 12.53
N GLU B 286 11.96 -9.20 11.56
CA GLU B 286 10.56 -9.48 11.26
C GLU B 286 9.79 -8.20 10.99
N GLN B 287 10.43 -7.26 10.28
CA GLN B 287 9.83 -6.05 9.77
C GLN B 287 10.19 -5.91 8.30
N ASP B 288 9.31 -5.24 7.54
CA ASP B 288 9.42 -5.11 6.08
C ASP B 288 10.40 -4.04 5.58
N PRO B 289 10.48 -2.84 6.16
CA PRO B 289 11.28 -1.79 5.53
C PRO B 289 12.79 -1.96 5.70
N VAL B 290 13.52 -1.24 4.86
CA VAL B 290 14.93 -0.98 5.09
C VAL B 290 15.00 0.27 5.95
N ILE B 291 15.50 0.13 7.17
CA ILE B 291 15.48 1.18 8.18
C ILE B 291 16.79 1.96 8.10
N VAL B 292 16.70 3.30 7.98
CA VAL B 292 17.84 4.14 7.63
C VAL B 292 18.02 5.23 8.67
N GLY B 293 19.26 5.43 9.13
CA GLY B 293 19.55 6.51 10.06
C GLY B 293 21.03 6.82 10.17
N ARG B 294 21.40 7.51 11.25
CA ARG B 294 22.79 7.97 11.49
C ARG B 294 23.24 8.75 10.26
N ILE B 295 22.34 9.47 9.62
CA ILE B 295 22.67 10.25 8.39
C ILE B 295 23.52 11.45 8.76
N ARG B 296 24.65 11.59 8.09
CA ARG B 296 25.51 12.75 8.38
C ARG B 296 26.43 13.03 7.19
N GLN B 297 27.04 14.20 7.24
CA GLN B 297 27.99 14.58 6.18
C GLN B 297 29.26 13.77 6.40
N ASP B 298 29.94 13.47 5.32
CA ASP B 298 31.21 12.74 5.36
C ASP B 298 32.34 13.71 5.67
N LEU B 299 32.91 13.62 6.89
CA LEU B 299 34.02 14.49 7.25
C LEU B 299 35.22 14.32 6.33
N ALA B 300 35.34 13.17 5.67
CA ALA B 300 36.50 12.92 4.81
C ALA B 300 36.28 13.35 3.36
N ASN B 301 35.05 13.74 2.99
CA ASN B 301 34.79 14.03 1.59
C ASN B 301 33.64 15.01 1.46
N PRO B 302 33.88 16.19 0.86
CA PRO B 302 32.80 17.15 0.69
C PRO B 302 31.65 16.63 -0.18
N ASN B 303 31.89 15.62 -1.01
CA ASN B 303 30.82 15.03 -1.79
C ASN B 303 30.30 13.74 -1.18
N GLY B 304 30.56 13.52 0.11
CA GLY B 304 30.23 12.27 0.77
C GLY B 304 29.03 12.39 1.68
N LEU B 305 28.29 11.29 1.78
CA LEU B 305 27.20 11.12 2.75
C LEU B 305 27.43 9.79 3.46
N VAL B 306 27.13 9.76 4.76
CA VAL B 306 27.32 8.58 5.61
C VAL B 306 25.99 8.22 6.23
N PHE B 307 25.67 6.93 6.29
CA PHE B 307 24.48 6.52 7.02
C PHE B 307 24.60 5.06 7.43
N TRP B 308 23.61 4.59 8.15
CA TRP B 308 23.54 3.23 8.70
C TRP B 308 22.16 2.68 8.38
N CYS B 309 22.10 1.42 7.94
CA CYS B 309 20.75 0.91 7.72
C CYS B 309 20.68 -0.58 8.08
N VAL B 310 19.45 -1.05 8.23
CA VAL B 310 19.13 -2.38 8.75
C VAL B 310 18.01 -2.97 7.90
N SER B 311 18.11 -4.27 7.60
CA SER B 311 17.04 -4.97 6.92
C SER B 311 16.92 -6.40 7.44
N ASP B 312 15.71 -6.96 7.39
CA ASP B 312 15.52 -8.35 7.74
C ASP B 312 15.92 -9.23 6.55
N GLN B 313 16.82 -10.19 6.79
CA GLN B 313 17.36 -10.96 5.67
C GLN B 313 16.33 -11.90 5.06
N ILE B 314 15.41 -12.40 5.87
CA ILE B 314 14.43 -13.39 5.40
C ILE B 314 13.26 -12.71 4.69
N ARG B 315 12.95 -11.48 5.07
CA ARG B 315 11.84 -10.71 4.47
C ARG B 315 12.32 -9.90 3.26
N LYS B 316 12.68 -8.63 3.45
CA LYS B 316 13.11 -7.81 2.28
C LYS B 316 14.35 -8.41 1.61
N GLY B 317 15.18 -9.06 2.40
CA GLY B 317 16.41 -9.66 1.87
C GLY B 317 16.13 -10.91 1.05
N ALA B 318 14.88 -11.38 0.99
CA ALA B 318 14.62 -12.64 0.26
C ALA B 318 13.18 -12.78 -0.22
N ALA B 319 12.32 -13.37 0.62
CA ALA B 319 10.93 -13.66 0.25
C ALA B 319 10.14 -12.40 -0.10
N LEU B 320 10.26 -11.35 0.69
CA LEU B 320 9.41 -10.17 0.39
C LEU B 320 9.80 -9.57 -0.96
N ASN B 321 11.08 -9.42 -1.22
CA ASN B 321 11.48 -8.85 -2.49
C ASN B 321 10.94 -9.68 -3.65
N ALA B 322 11.00 -11.01 -3.53
CA ALA B 322 10.51 -11.89 -4.60
C ALA B 322 9.02 -11.70 -4.82
N VAL B 323 8.24 -11.70 -3.73
CA VAL B 323 6.80 -11.49 -3.85
C VAL B 323 6.52 -10.12 -4.48
N GLN B 324 7.31 -9.12 -4.11
CA GLN B 324 7.09 -7.77 -4.63
C GLN B 324 7.37 -7.67 -6.13
N ILE B 325 8.31 -8.46 -6.63
CA ILE B 325 8.48 -8.56 -8.08
C ILE B 325 7.20 -9.10 -8.72
N ALA B 326 6.68 -10.20 -8.17
CA ALA B 326 5.45 -10.79 -8.70
C ALA B 326 4.29 -9.79 -8.63
N GLU B 327 4.17 -9.07 -7.52
CA GLU B 327 3.12 -8.06 -7.40
C GLU B 327 3.29 -6.94 -8.43
N TYR B 328 4.52 -6.47 -8.63
CA TYR B 328 4.79 -5.45 -9.64
C TYR B 328 4.37 -5.92 -11.03
N LEU B 329 4.63 -7.18 -11.36
CA LEU B 329 4.20 -7.70 -12.65
C LEU B 329 2.68 -7.77 -12.74
N ILE B 330 2.01 -8.20 -11.68
CA ILE B 330 0.54 -8.24 -11.68
C ILE B 330 -0.03 -6.84 -11.88
N ALA B 331 0.53 -5.85 -11.18
CA ALA B 331 0.03 -4.47 -11.29
C ALA B 331 0.20 -3.89 -12.69
N LYS B 332 1.18 -4.36 -13.46
CA LYS B 332 1.39 -3.90 -14.83
C LYS B 332 0.63 -4.74 -15.86
N GLY B 333 -0.31 -5.57 -15.42
CA GLY B 333 -1.11 -6.37 -16.34
C GLY B 333 -0.37 -7.52 -16.99
N HIS B 334 0.75 -7.95 -16.40
CA HIS B 334 1.66 -8.89 -17.05
C HIS B 334 1.08 -10.29 -17.20
N PHE B 335 0.01 -10.61 -16.49
CA PHE B 335 -0.57 -11.95 -16.55
C PHE B 335 -1.99 -11.94 -17.12
#